data_9KVC
#
_entry.id   9KVC
#
_cell.length_a   186.251
_cell.length_b   69.713
_cell.length_c   98.441
_cell.angle_alpha   90.000
_cell.angle_beta   101.684
_cell.angle_gamma   90.000
#
_symmetry.space_group_name_H-M   'C 1 2 1'
#
loop_
_entity.id
_entity.type
_entity.pdbx_description
1 polymer 'Tryptophan--tRNA ligase'
2 non-polymer DI(HYDROXYETHYL)ETHER
#
_entity_poly.entity_id   1
_entity_poly.type   'polypeptide(L)'
_entity_poly.pdbx_seq_one_letter_code
;METLFSGIQPSGIPTIGNYIGALKQFVDVQNDYDCYFCIVDQHAITMPQDRLKLRKQTRQLAAIYLASGIDPDKATLFIQ
SEVPAHVQAGWMLTTIASVGELERMTQYKDKAQKAVEGIPAGLLTYPPLMAADIVLYNTNIVPVGDDQKQHIELTRNLVD
RFNSRYNDVLVKPEIRMPKVGGRVMSLQDPTRKMSKSDDNAKNFISLLDEPNVAAKKIKSAVTDSDGIIKFDRDNKPGIT
NLISIYAGLTDMPIKDIEAKYEGEGYGKFKGDLAEIVKAFLVEFQEKYESFYNSDKLDDILDQGRDKAHKVSFKTVKKME
KAMGLGRKRHHHHHH
;
_entity_poly.pdbx_strand_id   A,B,C
#
loop_
_chem_comp.id
_chem_comp.type
_chem_comp.name
_chem_comp.formula
PEG non-polymer DI(HYDROXYETHYL)ETHER 'C4 H10 O3'
#
# COMPACT_ATOMS: atom_id res chain seq x y z
N MET A 1 -1.97 5.88 -38.42
CA MET A 1 -1.91 6.54 -37.12
C MET A 1 -3.12 6.22 -36.27
N GLU A 2 -2.90 5.66 -35.07
CA GLU A 2 -4.03 5.35 -34.21
C GLU A 2 -4.65 6.62 -33.65
N THR A 3 -5.89 6.49 -33.18
CA THR A 3 -6.62 7.60 -32.60
C THR A 3 -6.84 7.36 -31.11
N LEU A 4 -6.45 8.35 -30.31
CA LEU A 4 -6.57 8.33 -28.85
C LEU A 4 -7.72 9.23 -28.44
N PHE A 5 -8.55 8.76 -27.51
CA PHE A 5 -9.61 9.61 -26.97
C PHE A 5 -9.56 9.58 -25.47
N SER A 6 -9.47 10.76 -24.86
CA SER A 6 -9.57 10.92 -23.42
C SER A 6 -10.61 11.98 -23.13
N GLY A 7 -11.60 11.61 -22.32
CA GLY A 7 -12.52 12.56 -21.75
C GLY A 7 -12.01 13.04 -20.40
N ILE A 8 -12.32 14.30 -20.12
CA ILE A 8 -11.71 15.10 -19.06
C ILE A 8 -12.86 15.66 -18.25
N GLN A 9 -13.07 15.14 -17.04
CA GLN A 9 -14.06 15.75 -16.15
C GLN A 9 -13.63 17.19 -15.90
N PRO A 10 -14.51 18.18 -16.07
CA PRO A 10 -14.06 19.51 -15.66
C PRO A 10 -14.40 19.76 -14.21
N SER A 11 -14.16 18.80 -13.30
CA SER A 11 -14.67 19.02 -11.95
C SER A 11 -13.61 19.52 -10.99
N GLY A 12 -12.38 19.02 -11.08
CA GLY A 12 -11.35 19.42 -10.14
C GLY A 12 -10.07 19.67 -10.89
N ILE A 13 -9.23 20.49 -10.28
CA ILE A 13 -7.93 20.83 -10.88
C ILE A 13 -7.01 19.60 -10.86
N PRO A 14 -6.30 19.33 -11.94
CA PRO A 14 -5.28 18.27 -11.89
C PRO A 14 -4.15 18.62 -10.94
N THR A 15 -3.73 17.63 -10.16
CA THR A 15 -2.51 17.74 -9.37
C THR A 15 -1.28 17.65 -10.26
N ILE A 16 -0.14 17.92 -9.65
CA ILE A 16 1.10 17.83 -10.40
C ILE A 16 1.45 16.37 -10.67
N GLY A 17 1.00 15.47 -9.79
CA GLY A 17 1.06 14.07 -10.10
C GLY A 17 0.25 13.71 -11.34
N ASN A 18 -0.90 14.36 -11.51
CA ASN A 18 -1.67 14.22 -12.75
C ASN A 18 -0.92 14.80 -13.93
N TYR A 19 -0.03 15.76 -13.69
CA TYR A 19 0.77 16.30 -14.77
C TYR A 19 1.86 15.31 -15.16
N ILE A 20 2.67 14.91 -14.19
CA ILE A 20 3.73 13.91 -14.41
C ILE A 20 3.16 12.62 -14.96
N GLY A 21 2.12 12.09 -14.31
CA GLY A 21 1.57 10.80 -14.71
C GLY A 21 0.88 10.80 -16.07
N ALA A 22 0.11 11.84 -16.39
CA ALA A 22 -0.63 11.82 -17.65
C ALA A 22 -0.35 12.99 -18.58
N LEU A 23 -0.52 14.24 -18.13
CA LEU A 23 -0.61 15.34 -19.09
C LEU A 23 0.69 15.52 -19.84
N LYS A 24 1.81 15.40 -19.14
CA LYS A 24 3.10 15.58 -19.79
C LYS A 24 3.28 14.58 -20.94
N GLN A 25 2.91 13.31 -20.70
CA GLN A 25 2.95 12.29 -21.73
C GLN A 25 2.17 12.72 -22.96
N PHE A 26 0.95 13.22 -22.75
CA PHE A 26 0.11 13.63 -23.87
C PHE A 26 0.83 14.59 -24.79
N VAL A 27 1.70 15.44 -24.27
CA VAL A 27 2.29 16.46 -25.11
C VAL A 27 3.27 15.83 -26.12
N ASP A 28 4.00 14.76 -25.75
CA ASP A 28 4.59 13.89 -26.77
C ASP A 28 3.54 13.23 -27.66
N VAL A 29 2.68 12.40 -27.05
CA VAL A 29 1.99 11.38 -27.82
C VAL A 29 1.09 12.00 -28.87
N GLN A 30 0.77 13.28 -28.75
CA GLN A 30 -0.05 13.97 -29.73
C GLN A 30 0.66 14.13 -31.07
N ASN A 31 1.95 13.86 -31.13
CA ASN A 31 2.66 13.77 -32.40
C ASN A 31 2.61 12.39 -33.02
N ASP A 32 2.21 11.37 -32.26
CA ASP A 32 2.22 9.99 -32.72
C ASP A 32 0.83 9.38 -32.72
N TYR A 33 -0.16 10.11 -32.26
CA TYR A 33 -1.51 9.62 -32.26
C TYR A 33 -2.42 10.79 -32.60
N ASP A 34 -3.59 10.45 -33.14
CA ASP A 34 -4.64 11.43 -33.40
C ASP A 34 -5.48 11.52 -32.13
N CYS A 35 -5.20 12.53 -31.33
CA CYS A 35 -5.72 12.63 -29.97
C CYS A 35 -6.94 13.52 -29.89
N TYR A 36 -7.99 13.01 -29.23
CA TYR A 36 -9.19 13.77 -28.93
C TYR A 36 -9.25 13.98 -27.42
N PHE A 37 -9.18 15.22 -27.02
CA PHE A 37 -9.30 15.60 -25.62
C PHE A 37 -10.63 16.33 -25.48
N CYS A 38 -11.54 15.71 -24.71
CA CYS A 38 -12.93 16.09 -24.66
C CYS A 38 -13.28 16.46 -23.23
N ILE A 39 -13.69 17.71 -23.01
CA ILE A 39 -14.07 18.16 -21.67
C ILE A 39 -15.55 17.83 -21.53
N VAL A 40 -15.86 16.86 -20.68
CA VAL A 40 -17.18 16.19 -20.69
C VAL A 40 -18.08 16.97 -19.73
N ASP A 41 -18.55 18.11 -20.21
CA ASP A 41 -19.51 18.85 -19.39
C ASP A 41 -20.85 18.14 -19.30
N GLN A 42 -21.24 17.35 -20.30
CA GLN A 42 -22.50 16.61 -20.18
C GLN A 42 -22.36 15.42 -19.22
N HIS A 43 -21.16 14.81 -19.12
CA HIS A 43 -20.91 13.92 -17.99
C HIS A 43 -20.83 14.67 -16.67
N ALA A 44 -20.35 15.91 -16.69
CA ALA A 44 -20.18 16.64 -15.44
C ALA A 44 -21.48 16.72 -14.64
N ILE A 45 -22.61 16.84 -15.35
CA ILE A 45 -23.88 17.19 -14.71
C ILE A 45 -24.67 15.97 -14.28
N THR A 46 -24.16 14.78 -14.48
CA THR A 46 -24.82 13.65 -13.86
C THR A 46 -24.68 13.76 -12.36
N MET A 47 -23.45 14.08 -11.89
CA MET A 47 -23.17 14.44 -10.51
C MET A 47 -23.67 15.85 -10.27
N PRO A 48 -23.74 16.31 -9.01
CA PRO A 48 -24.19 17.68 -8.76
C PRO A 48 -23.11 18.69 -9.12
N GLN A 49 -23.52 19.80 -9.74
CA GLN A 49 -22.62 20.91 -10.01
C GLN A 49 -23.35 22.23 -9.76
N ASP A 50 -22.56 23.27 -9.48
CA ASP A 50 -23.13 24.63 -9.38
C ASP A 50 -23.15 25.18 -10.80
N ARG A 51 -24.32 25.61 -11.25
CA ARG A 51 -24.49 26.12 -12.63
C ARG A 51 -23.40 27.11 -12.99
N LEU A 52 -23.06 28.01 -12.07
CA LEU A 52 -22.06 29.03 -12.35
C LEU A 52 -20.63 28.49 -12.25
N LYS A 53 -20.36 27.77 -11.16
CA LYS A 53 -19.07 27.13 -10.98
C LYS A 53 -18.72 26.25 -12.19
N LEU A 54 -19.72 25.57 -12.76
CA LEU A 54 -19.42 24.52 -13.74
C LEU A 54 -18.96 25.09 -15.07
N ARG A 55 -19.58 26.15 -15.55
CA ARG A 55 -19.08 26.71 -16.80
C ARG A 55 -17.67 27.28 -16.63
N LYS A 56 -17.27 27.64 -15.40
CA LYS A 56 -15.93 28.15 -15.14
C LYS A 56 -14.89 27.02 -15.21
N GLN A 57 -15.07 25.98 -14.37
CA GLN A 57 -14.14 24.86 -14.37
C GLN A 57 -13.89 24.30 -15.76
N THR A 58 -14.83 24.45 -16.68
CA THR A 58 -14.57 23.97 -18.02
C THR A 58 -13.48 24.80 -18.71
N ARG A 59 -13.53 26.13 -18.61
CA ARG A 59 -12.39 26.87 -19.15
C ARG A 59 -11.12 26.51 -18.39
N GLN A 60 -11.23 26.32 -17.07
CA GLN A 60 -10.07 25.99 -16.29
C GLN A 60 -9.38 24.78 -16.88
N LEU A 61 -10.13 23.70 -17.10
CA LEU A 61 -9.54 22.49 -17.63
C LEU A 61 -8.98 22.70 -19.01
N ALA A 62 -9.72 23.41 -19.86
CA ALA A 62 -9.20 23.70 -21.18
C ALA A 62 -7.88 24.46 -21.11
N ALA A 63 -7.81 25.48 -20.25
CA ALA A 63 -6.56 26.20 -20.11
C ALA A 63 -5.46 25.30 -19.54
N ILE A 64 -5.79 24.53 -18.49
CA ILE A 64 -4.81 23.62 -17.89
C ILE A 64 -4.24 22.69 -18.94
N TYR A 65 -5.08 22.20 -19.84
CA TYR A 65 -4.56 21.28 -20.85
C TYR A 65 -3.75 22.03 -21.89
N LEU A 66 -4.20 23.22 -22.27
CA LEU A 66 -3.41 24.04 -23.20
C LEU A 66 -2.08 24.48 -22.59
N ALA A 67 -2.08 24.86 -21.31
CA ALA A 67 -0.83 25.26 -20.67
C ALA A 67 0.15 24.10 -20.66
N SER A 68 -0.32 22.90 -20.29
CA SER A 68 0.48 21.68 -20.30
C SER A 68 1.21 21.45 -21.60
N GLY A 69 0.80 22.08 -22.69
CA GLY A 69 1.43 21.88 -23.98
C GLY A 69 0.64 21.07 -24.98
N ILE A 70 -0.65 20.81 -24.72
CA ILE A 70 -1.49 20.23 -25.77
C ILE A 70 -1.58 21.24 -26.88
N ASP A 71 -1.41 20.77 -28.12
CA ASP A 71 -1.33 21.69 -29.24
C ASP A 71 -2.58 21.52 -30.07
N PRO A 72 -3.34 22.61 -30.29
CA PRO A 72 -4.64 22.51 -30.96
C PRO A 72 -4.60 22.09 -32.42
N ASP A 73 -3.44 22.17 -33.09
CA ASP A 73 -3.31 21.71 -34.47
C ASP A 73 -2.77 20.28 -34.56
N LYS A 74 -2.60 19.61 -33.42
CA LYS A 74 -2.17 18.23 -33.33
C LYS A 74 -3.18 17.34 -32.64
N ALA A 75 -3.79 17.83 -31.59
CA ALA A 75 -4.93 17.16 -31.00
C ALA A 75 -6.21 17.94 -31.30
N THR A 76 -7.32 17.34 -30.97
CA THR A 76 -8.59 18.03 -30.95
C THR A 76 -9.01 18.20 -29.51
N LEU A 77 -9.19 19.44 -29.10
CA LEU A 77 -9.60 19.78 -27.75
C LEU A 77 -10.91 20.55 -27.79
N PHE A 78 -11.92 20.02 -27.13
CA PHE A 78 -13.28 20.49 -27.36
C PHE A 78 -14.13 20.21 -26.14
N ILE A 79 -15.25 20.91 -26.09
CA ILE A 79 -16.24 20.73 -25.06
C ILE A 79 -17.34 19.84 -25.62
N GLN A 80 -17.72 18.82 -24.84
CA GLN A 80 -18.63 17.77 -25.31
C GLN A 80 -19.96 18.35 -25.78
N SER A 81 -20.60 19.17 -24.94
CA SER A 81 -21.96 19.61 -25.19
C SER A 81 -22.06 20.37 -26.50
N GLU A 82 -20.94 20.90 -26.99
CA GLU A 82 -20.87 21.66 -28.23
C GLU A 82 -20.68 20.77 -29.44
N VAL A 83 -20.69 19.46 -29.23
CA VAL A 83 -20.69 18.48 -30.31
C VAL A 83 -21.95 17.62 -30.15
N PRO A 84 -23.01 17.91 -30.90
CA PRO A 84 -24.30 17.25 -30.65
C PRO A 84 -24.20 15.76 -30.80
N ALA A 85 -23.29 15.32 -31.67
CA ALA A 85 -23.09 13.90 -31.94
C ALA A 85 -23.04 13.08 -30.67
N HIS A 86 -22.41 13.61 -29.63
CA HIS A 86 -22.19 12.82 -28.42
C HIS A 86 -23.50 12.31 -27.82
N VAL A 87 -24.47 13.19 -27.58
CA VAL A 87 -25.75 12.70 -27.05
C VAL A 87 -26.63 12.02 -28.09
N GLN A 88 -26.42 12.31 -29.38
CA GLN A 88 -27.11 11.53 -30.42
C GLN A 88 -26.64 10.07 -30.43
N ALA A 89 -25.36 9.85 -30.69
CA ALA A 89 -24.81 8.51 -30.60
C ALA A 89 -25.11 7.88 -29.24
N GLY A 90 -25.05 8.67 -28.17
CA GLY A 90 -25.31 8.12 -26.86
C GLY A 90 -26.71 7.54 -26.76
N TRP A 91 -27.67 8.18 -27.41
CA TRP A 91 -29.04 7.69 -27.36
C TRP A 91 -29.16 6.37 -28.13
N MET A 92 -28.55 6.30 -29.31
CA MET A 92 -28.58 5.06 -30.07
C MET A 92 -28.03 3.92 -29.24
N LEU A 93 -26.84 4.12 -28.67
CA LEU A 93 -26.20 3.07 -27.90
C LEU A 93 -26.97 2.77 -26.63
N THR A 94 -27.81 3.71 -26.17
CA THR A 94 -28.65 3.40 -25.02
C THR A 94 -29.78 2.45 -25.40
N THR A 95 -30.33 2.56 -26.63
CA THR A 95 -31.48 1.71 -26.93
C THR A 95 -31.09 0.25 -27.02
N ILE A 96 -29.80 -0.06 -27.27
CA ILE A 96 -29.36 -1.45 -27.33
C ILE A 96 -28.72 -1.95 -26.04
N ALA A 97 -28.27 -1.05 -25.16
CA ALA A 97 -27.86 -1.46 -23.82
C ALA A 97 -29.05 -2.07 -23.09
N SER A 98 -28.78 -2.95 -22.13
CA SER A 98 -29.84 -3.45 -21.27
C SER A 98 -29.87 -2.69 -19.95
N VAL A 99 -31.00 -2.80 -19.25
CA VAL A 99 -31.09 -2.23 -17.91
C VAL A 99 -30.11 -2.91 -16.98
N GLY A 100 -30.13 -4.24 -16.98
CA GLY A 100 -29.20 -4.97 -16.13
C GLY A 100 -27.76 -4.55 -16.36
N GLU A 101 -27.39 -4.30 -17.62
CA GLU A 101 -26.04 -3.83 -17.90
C GLU A 101 -25.76 -2.53 -17.18
N LEU A 102 -26.62 -1.52 -17.36
CA LEU A 102 -26.36 -0.22 -16.76
C LEU A 102 -26.36 -0.31 -15.24
N GLU A 103 -27.25 -1.14 -14.71
CA GLU A 103 -27.30 -1.37 -13.27
C GLU A 103 -25.95 -1.89 -12.74
N ARG A 104 -25.32 -2.84 -13.45
CA ARG A 104 -24.10 -3.49 -12.95
C ARG A 104 -22.93 -2.51 -12.84
N MET A 105 -22.81 -1.61 -13.82
CA MET A 105 -21.79 -0.56 -13.78
C MET A 105 -21.80 0.17 -12.44
N THR A 106 -23.00 0.56 -11.99
CA THR A 106 -23.18 1.25 -10.72
C THR A 106 -22.60 0.48 -9.54
N GLN A 107 -22.32 -0.82 -9.68
CA GLN A 107 -21.73 -1.59 -8.59
C GLN A 107 -20.22 -1.53 -8.56
N TYR A 108 -19.59 -1.53 -9.73
CA TYR A 108 -18.16 -1.68 -9.79
C TYR A 108 -17.48 -0.37 -9.38
N GLU A 117 -33.64 12.74 -2.12
CA GLU A 117 -34.79 12.98 -2.97
C GLU A 117 -34.80 11.98 -4.11
N GLY A 118 -33.75 11.15 -4.19
CA GLY A 118 -33.66 10.16 -5.25
C GLY A 118 -32.30 10.05 -5.96
N ILE A 119 -32.15 9.03 -6.76
CA ILE A 119 -30.84 8.68 -7.39
C ILE A 119 -30.78 9.32 -8.74
N PRO A 120 -30.06 10.40 -8.96
CA PRO A 120 -30.10 11.10 -10.25
C PRO A 120 -29.85 10.13 -11.39
N ALA A 121 -30.67 10.26 -12.41
CA ALA A 121 -30.70 9.29 -13.48
C ALA A 121 -29.42 9.33 -14.31
N GLY A 122 -28.77 10.49 -14.38
CA GLY A 122 -27.52 10.54 -15.13
C GLY A 122 -26.47 9.56 -14.62
N LEU A 123 -26.55 9.17 -13.36
CA LEU A 123 -25.56 8.30 -12.73
C LEU A 123 -25.73 6.87 -13.21
N LEU A 124 -26.90 6.55 -13.76
CA LEU A 124 -27.20 5.24 -14.30
C LEU A 124 -27.02 5.14 -15.80
N THR A 125 -27.21 6.25 -16.50
CA THR A 125 -27.33 6.23 -17.94
C THR A 125 -26.19 6.95 -18.61
N TYR A 126 -25.18 7.32 -17.88
CA TYR A 126 -23.99 7.84 -18.54
C TYR A 126 -23.21 6.76 -19.30
N PRO A 127 -23.17 5.48 -18.90
CA PRO A 127 -22.29 4.53 -19.61
C PRO A 127 -22.45 4.59 -21.11
N PRO A 128 -23.65 4.45 -21.69
CA PRO A 128 -23.70 4.52 -23.15
C PRO A 128 -23.16 5.84 -23.69
N LEU A 129 -23.40 6.95 -22.99
CA LEU A 129 -22.85 8.23 -23.44
C LEU A 129 -21.32 8.26 -23.37
N MET A 130 -20.72 7.60 -22.36
CA MET A 130 -19.27 7.44 -22.38
C MET A 130 -18.83 6.66 -23.62
N ALA A 131 -19.53 5.57 -23.93
CA ALA A 131 -19.21 4.78 -25.13
C ALA A 131 -19.27 5.66 -26.36
N ALA A 132 -20.36 6.40 -26.52
CA ALA A 132 -20.53 7.24 -27.69
C ALA A 132 -19.41 8.25 -27.80
N ASP A 133 -18.94 8.78 -26.66
CA ASP A 133 -17.86 9.76 -26.65
C ASP A 133 -16.60 9.20 -27.28
N ILE A 134 -16.31 7.93 -27.01
CA ILE A 134 -15.19 7.23 -27.63
C ILE A 134 -15.46 6.97 -29.11
N VAL A 135 -16.48 6.14 -29.42
CA VAL A 135 -16.57 5.48 -30.73
C VAL A 135 -16.79 6.46 -31.86
N LEU A 136 -17.29 7.66 -31.55
CA LEU A 136 -17.57 8.65 -32.58
C LEU A 136 -16.32 9.03 -33.37
N TYR A 137 -15.15 8.78 -32.79
CA TYR A 137 -13.89 9.12 -33.40
C TYR A 137 -13.12 7.86 -33.80
N ASN A 138 -13.81 6.72 -33.78
CA ASN A 138 -13.25 5.44 -34.15
C ASN A 138 -12.02 5.17 -33.31
N THR A 139 -12.13 5.57 -32.05
CA THR A 139 -11.01 5.51 -31.14
C THR A 139 -10.50 4.10 -30.95
N ASN A 140 -9.18 3.95 -31.07
CA ASN A 140 -8.49 2.69 -30.87
C ASN A 140 -8.03 2.53 -29.43
N ILE A 141 -7.62 3.62 -28.80
CA ILE A 141 -7.03 3.53 -27.47
C ILE A 141 -7.61 4.59 -26.57
N VAL A 142 -7.87 4.21 -25.33
CA VAL A 142 -8.41 5.09 -24.31
C VAL A 142 -7.51 5.04 -23.07
N PRO A 143 -6.86 6.17 -22.68
CA PRO A 143 -5.92 6.13 -21.55
C PRO A 143 -6.61 6.23 -20.21
N VAL A 144 -7.05 5.13 -19.61
CA VAL A 144 -7.81 5.19 -18.37
C VAL A 144 -7.32 4.12 -17.41
N GLY A 145 -7.80 4.22 -16.17
CA GLY A 145 -7.37 3.39 -15.09
C GLY A 145 -8.41 2.34 -14.72
N ASP A 146 -8.10 1.60 -13.67
CA ASP A 146 -8.79 0.33 -13.43
C ASP A 146 -10.24 0.50 -12.98
N ASP A 147 -10.63 1.68 -12.48
CA ASP A 147 -12.05 1.89 -12.22
C ASP A 147 -12.84 2.16 -13.50
N GLN A 148 -12.14 2.36 -14.62
CA GLN A 148 -12.75 2.49 -15.94
C GLN A 148 -12.78 1.20 -16.73
N LYS A 149 -12.40 0.07 -16.13
CA LYS A 149 -12.46 -1.19 -16.88
C LYS A 149 -13.90 -1.52 -17.25
N GLN A 150 -14.81 -1.55 -16.27
CA GLN A 150 -16.17 -1.93 -16.59
C GLN A 150 -16.72 -1.06 -17.71
N HIS A 151 -16.32 0.21 -17.76
CA HIS A 151 -16.82 1.08 -18.83
C HIS A 151 -16.33 0.62 -20.19
N ILE A 152 -15.04 0.36 -20.33
CA ILE A 152 -14.56 -0.02 -21.66
C ILE A 152 -15.08 -1.40 -22.02
N GLU A 153 -15.31 -2.29 -21.04
CA GLU A 153 -15.89 -3.57 -21.38
C GLU A 153 -17.25 -3.38 -22.04
N LEU A 154 -18.06 -2.50 -21.45
CA LEU A 154 -19.37 -2.24 -22.00
C LEU A 154 -19.28 -1.52 -23.33
N THR A 155 -18.29 -0.63 -23.51
CA THR A 155 -18.18 0.00 -24.83
C THR A 155 -17.83 -1.01 -25.90
N ARG A 156 -17.03 -2.00 -25.55
CA ARG A 156 -16.68 -3.01 -26.54
C ARG A 156 -17.88 -3.87 -26.86
N ASN A 157 -18.64 -4.21 -25.82
CA ASN A 157 -19.88 -4.95 -26.01
C ASN A 157 -20.89 -4.15 -26.82
N LEU A 158 -21.05 -2.87 -26.51
CA LEU A 158 -22.02 -2.10 -27.25
C LEU A 158 -21.59 -1.91 -28.69
N VAL A 159 -20.28 -1.89 -28.98
CA VAL A 159 -19.88 -1.82 -30.38
C VAL A 159 -20.16 -3.16 -31.09
N ASP A 160 -19.89 -4.28 -30.40
CA ASP A 160 -20.16 -5.59 -30.99
C ASP A 160 -21.63 -5.76 -31.26
N ARG A 161 -22.46 -5.47 -30.28
CA ARG A 161 -23.92 -5.53 -30.51
C ARG A 161 -24.32 -4.68 -31.73
N PHE A 162 -23.82 -3.46 -31.83
CA PHE A 162 -24.27 -2.55 -32.92
C PHE A 162 -23.80 -3.04 -34.26
N ASN A 163 -22.62 -3.65 -34.31
CA ASN A 163 -22.07 -4.04 -35.63
C ASN A 163 -22.73 -5.36 -36.07
N SER A 164 -23.35 -6.08 -35.14
CA SER A 164 -24.02 -7.35 -35.47
C SER A 164 -25.48 -7.07 -35.86
N ARG A 165 -26.21 -6.37 -35.00
CA ARG A 165 -27.65 -6.10 -35.24
C ARG A 165 -27.81 -5.19 -36.47
N TYR A 166 -27.00 -4.16 -36.59
CA TYR A 166 -27.06 -3.22 -37.73
C TYR A 166 -25.74 -3.32 -38.43
N ASN A 167 -25.46 -2.45 -39.40
CA ASN A 167 -24.21 -2.57 -40.20
C ASN A 167 -22.96 -2.43 -39.32
N ASP A 168 -21.81 -2.84 -39.83
CA ASP A 168 -20.53 -2.71 -39.07
C ASP A 168 -19.91 -1.34 -39.34
N VAL A 169 -20.11 -0.41 -38.42
CA VAL A 169 -19.59 0.97 -38.64
C VAL A 169 -18.75 1.40 -37.44
N LEU A 170 -18.81 0.66 -36.34
CA LEU A 170 -18.11 1.11 -35.11
C LEU A 170 -16.75 0.43 -34.93
N VAL A 171 -15.93 0.92 -33.98
CA VAL A 171 -14.54 0.53 -33.84
C VAL A 171 -14.29 0.25 -32.36
N LYS A 172 -14.22 -1.03 -31.97
CA LYS A 172 -13.94 -1.38 -30.57
C LYS A 172 -12.65 -0.73 -30.11
N PRO A 173 -12.62 -0.07 -28.96
CA PRO A 173 -11.36 0.48 -28.45
C PRO A 173 -10.67 -0.47 -27.48
N GLU A 174 -9.37 -0.20 -27.26
CA GLU A 174 -8.58 -0.83 -26.23
C GLU A 174 -8.20 0.22 -25.20
N ILE A 175 -7.97 -0.23 -23.97
CA ILE A 175 -7.47 0.63 -22.89
C ILE A 175 -5.94 0.72 -23.02
N ARG A 176 -5.43 1.82 -23.56
CA ARG A 176 -3.98 1.91 -23.58
C ARG A 176 -3.49 3.34 -23.35
N MET A 177 -2.35 3.42 -22.69
CA MET A 177 -1.70 4.70 -22.47
C MET A 177 -0.35 4.65 -23.15
N PRO A 178 -0.08 5.47 -24.18
CA PRO A 178 1.13 5.26 -24.99
C PRO A 178 2.44 5.31 -24.20
N LYS A 179 2.73 6.42 -23.54
CA LYS A 179 3.90 6.52 -22.67
C LYS A 179 3.40 6.68 -21.26
N VAL A 180 3.50 5.61 -20.46
CA VAL A 180 3.12 5.70 -19.07
C VAL A 180 4.02 6.70 -18.34
N GLY A 181 3.43 7.47 -17.40
CA GLY A 181 4.18 8.39 -16.58
C GLY A 181 4.56 7.77 -15.23
N GLY A 182 5.27 8.56 -14.42
CA GLY A 182 5.77 8.08 -13.15
C GLY A 182 4.77 8.23 -12.02
N ARG A 183 4.67 7.18 -11.18
CA ARG A 183 3.65 7.14 -10.14
C ARG A 183 3.91 8.11 -8.99
N VAL A 184 3.43 9.35 -9.10
CA VAL A 184 3.51 10.27 -7.97
C VAL A 184 2.63 9.75 -6.84
N MET A 185 2.97 10.10 -5.60
CA MET A 185 2.20 9.66 -4.44
C MET A 185 1.89 10.84 -3.52
N SER A 186 1.11 10.55 -2.48
CA SER A 186 0.72 11.58 -1.54
C SER A 186 1.93 12.03 -0.73
N LEU A 187 2.15 13.35 -0.70
CA LEU A 187 3.36 13.87 -0.07
C LEU A 187 3.43 13.50 1.40
N GLN A 188 2.30 13.46 2.09
CA GLN A 188 2.31 13.08 3.48
C GLN A 188 1.74 11.68 3.70
N ASP A 189 1.61 10.88 2.63
CA ASP A 189 1.36 9.43 2.68
C ASP A 189 1.83 8.76 1.38
N PRO A 190 3.11 8.37 1.32
CA PRO A 190 3.70 7.91 0.05
C PRO A 190 3.19 6.57 -0.45
N THR A 191 2.39 5.85 0.32
CA THR A 191 1.82 4.58 -0.09
C THR A 191 0.48 4.70 -0.83
N ARG A 192 0.06 5.91 -1.16
CA ARG A 192 -1.26 6.16 -1.70
C ARG A 192 -1.05 7.18 -2.83
N LYS A 193 -1.75 7.04 -3.94
CA LYS A 193 -1.49 7.96 -5.04
C LYS A 193 -1.94 9.39 -4.67
N MET A 194 -1.48 10.38 -5.43
CA MET A 194 -1.80 11.79 -5.15
C MET A 194 -3.15 12.19 -5.76
N SER A 195 -4.19 12.26 -4.94
CA SER A 195 -5.52 12.68 -5.35
C SER A 195 -5.73 14.18 -5.17
N LYS A 196 -6.48 14.78 -6.11
CA LYS A 196 -6.82 16.21 -5.99
C LYS A 196 -7.83 16.47 -4.88
N SER A 197 -8.56 15.43 -4.46
CA SER A 197 -9.58 15.56 -3.44
C SER A 197 -9.13 15.02 -2.10
N ASP A 198 -7.87 15.19 -1.75
CA ASP A 198 -7.43 14.69 -0.46
C ASP A 198 -7.98 15.60 0.64
N ASP A 199 -8.53 15.00 1.70
CA ASP A 199 -8.88 15.80 2.88
C ASP A 199 -7.65 16.47 3.49
N ASN A 200 -6.47 15.91 3.27
CA ASN A 200 -5.20 16.45 3.72
C ASN A 200 -4.51 17.10 2.53
N ALA A 201 -4.45 18.43 2.51
CA ALA A 201 -3.98 19.06 1.28
C ALA A 201 -2.47 19.15 1.18
N LYS A 202 -1.75 18.85 2.27
CA LYS A 202 -0.31 18.69 2.21
C LYS A 202 0.09 17.44 1.45
N ASN A 203 -0.90 16.58 1.15
CA ASN A 203 -0.71 15.36 0.38
C ASN A 203 -0.58 15.64 -1.11
N PHE A 204 -1.11 16.74 -1.60
CA PHE A 204 -1.09 16.98 -3.03
C PHE A 204 -0.58 18.38 -3.31
N ILE A 205 -0.19 18.58 -4.55
CA ILE A 205 0.20 19.89 -5.08
C ILE A 205 -0.69 20.13 -6.29
N SER A 206 -1.60 21.09 -6.19
CA SER A 206 -2.40 21.43 -7.35
C SER A 206 -1.56 22.17 -8.37
N LEU A 207 -1.82 21.92 -9.64
CA LEU A 207 -1.29 22.80 -10.67
C LEU A 207 -1.72 24.25 -10.49
N LEU A 208 -2.71 24.52 -9.64
CA LEU A 208 -3.16 25.88 -9.36
C LEU A 208 -2.96 26.25 -7.89
N ASP A 209 -2.04 25.58 -7.20
CA ASP A 209 -1.61 26.04 -5.88
C ASP A 209 -0.84 27.34 -5.99
N GLU A 210 -0.86 28.12 -4.91
CA GLU A 210 0.12 29.19 -4.79
C GLU A 210 1.52 28.59 -4.76
N PRO A 211 2.40 28.96 -5.68
CA PRO A 211 3.70 28.24 -5.80
C PRO A 211 4.41 28.07 -4.47
N ASN A 212 4.48 29.15 -3.68
CA ASN A 212 5.05 29.10 -2.34
C ASN A 212 4.41 28.00 -1.49
N VAL A 213 3.10 27.86 -1.57
CA VAL A 213 2.42 26.83 -0.79
C VAL A 213 2.88 25.45 -1.24
N ALA A 214 2.98 25.25 -2.55
CA ALA A 214 3.53 23.98 -3.03
C ALA A 214 4.96 23.78 -2.52
N ALA A 215 5.77 24.84 -2.57
CA ALA A 215 7.11 24.73 -1.99
C ALA A 215 7.02 24.18 -0.57
N LYS A 216 6.22 24.83 0.28
CA LYS A 216 6.15 24.40 1.68
C LYS A 216 5.60 22.99 1.82
N LYS A 217 4.85 22.53 0.81
CA LYS A 217 4.32 21.16 0.84
C LYS A 217 5.40 20.13 0.52
N ILE A 218 6.29 20.46 -0.42
CA ILE A 218 7.46 19.62 -0.64
C ILE A 218 8.27 19.50 0.65
N LYS A 219 8.59 20.65 1.25
CA LYS A 219 9.33 20.64 2.52
C LYS A 219 8.56 19.84 3.58
N SER A 220 7.22 19.87 3.52
CA SER A 220 6.42 19.21 4.54
C SER A 220 6.31 17.71 4.32
N ALA A 221 6.73 17.17 3.16
CA ALA A 221 6.51 15.76 2.84
C ALA A 221 7.12 14.85 3.91
N VAL A 222 6.36 13.82 4.29
CA VAL A 222 6.85 12.86 5.29
C VAL A 222 8.00 12.07 4.70
N THR A 223 9.20 12.31 5.22
CA THR A 223 10.38 11.54 4.91
C THR A 223 11.09 11.24 6.21
N ASP A 224 11.99 10.28 6.17
CA ASP A 224 12.93 10.11 7.26
C ASP A 224 13.63 11.43 7.55
N SER A 225 14.25 11.52 8.73
CA SER A 225 14.88 12.78 9.11
C SER A 225 16.10 13.09 8.25
N ASP A 226 16.98 12.13 8.02
CA ASP A 226 17.95 12.35 6.97
C ASP A 226 18.18 11.04 6.23
N GLY A 227 18.83 11.14 5.09
CA GLY A 227 19.16 9.93 4.36
C GLY A 227 19.92 10.28 3.11
N ILE A 228 20.33 9.23 2.41
CA ILE A 228 20.90 9.42 1.08
C ILE A 228 19.76 9.63 0.10
N ILE A 229 20.11 10.27 -1.01
CA ILE A 229 19.17 10.53 -2.09
C ILE A 229 19.27 9.32 -3.02
N LYS A 230 18.69 8.21 -2.58
CA LYS A 230 18.69 7.01 -3.41
C LYS A 230 17.27 6.49 -3.52
N PHE A 231 16.80 6.35 -4.76
CA PHE A 231 15.56 5.71 -5.10
C PHE A 231 15.48 4.31 -4.46
N ASP A 232 14.54 4.14 -3.53
CA ASP A 232 14.25 2.85 -2.91
C ASP A 232 12.77 2.88 -2.52
N ARG A 233 11.90 2.46 -3.43
CA ARG A 233 10.47 2.57 -3.16
C ARG A 233 10.06 1.72 -1.97
N ASP A 234 10.62 0.52 -1.86
CA ASP A 234 10.08 -0.43 -0.90
C ASP A 234 10.41 -0.04 0.53
N ASN A 235 11.55 0.64 0.74
CA ASN A 235 12.03 0.86 2.09
C ASN A 235 12.12 2.33 2.49
N LYS A 236 12.36 3.22 1.53
CA LYS A 236 12.35 4.66 1.79
C LYS A 236 11.38 5.32 0.80
N PRO A 237 10.10 4.99 0.90
CA PRO A 237 9.12 5.54 -0.05
C PRO A 237 8.96 7.04 0.08
N GLY A 238 9.29 7.61 1.23
CA GLY A 238 9.16 9.04 1.38
C GLY A 238 10.04 9.73 0.37
N ILE A 239 11.35 9.63 0.58
CA ILE A 239 12.26 10.35 -0.31
C ILE A 239 12.16 9.81 -1.73
N THR A 240 11.83 8.54 -1.89
CA THR A 240 11.71 7.99 -3.24
C THR A 240 10.64 8.76 -4.02
N ASN A 241 9.46 8.99 -3.41
CA ASN A 241 8.40 9.73 -4.05
C ASN A 241 8.86 11.11 -4.54
N LEU A 242 9.50 11.88 -3.64
CA LEU A 242 9.94 13.23 -4.02
C LEU A 242 10.90 13.17 -5.21
N ILE A 243 11.81 12.19 -5.23
CA ILE A 243 12.70 11.97 -6.38
C ILE A 243 11.90 11.75 -7.67
N SER A 244 10.76 11.03 -7.57
CA SER A 244 9.87 10.87 -8.72
C SER A 244 9.32 12.21 -9.19
N ILE A 245 8.92 13.06 -8.25
CA ILE A 245 8.44 14.37 -8.62
C ILE A 245 9.57 15.14 -9.30
N TYR A 246 10.74 15.16 -8.63
CA TYR A 246 11.94 15.84 -9.13
C TYR A 246 12.28 15.40 -10.55
N ALA A 247 12.42 14.09 -10.76
CA ALA A 247 12.69 13.59 -12.09
C ALA A 247 11.61 14.00 -13.06
N GLY A 248 10.33 13.94 -12.64
CA GLY A 248 9.21 14.20 -13.54
C GLY A 248 9.13 15.64 -13.98
N LEU A 249 9.34 16.57 -13.07
CA LEU A 249 9.31 17.99 -13.43
C LEU A 249 10.54 18.47 -14.17
N THR A 250 11.61 17.65 -14.26
CA THR A 250 12.89 18.11 -14.81
C THR A 250 13.46 17.24 -15.93
N ASP A 251 12.94 16.03 -16.17
CA ASP A 251 13.47 15.11 -17.19
C ASP A 251 14.89 14.66 -16.88
N MET A 252 15.25 14.64 -15.62
CA MET A 252 16.53 14.13 -15.19
C MET A 252 16.40 12.66 -14.82
N PRO A 253 17.12 11.75 -15.47
CA PRO A 253 17.00 10.32 -15.08
C PRO A 253 17.19 10.18 -13.59
N ILE A 254 16.53 9.16 -13.00
CA ILE A 254 16.60 9.05 -11.55
C ILE A 254 18.02 8.76 -11.09
N LYS A 255 18.74 7.94 -11.84
CA LYS A 255 20.13 7.66 -11.53
C LYS A 255 21.03 8.90 -11.66
N ASP A 256 20.63 9.88 -12.49
CA ASP A 256 21.34 11.16 -12.56
C ASP A 256 21.08 12.02 -11.34
N ILE A 257 19.83 12.09 -10.88
CA ILE A 257 19.54 12.80 -9.65
C ILE A 257 20.33 12.18 -8.49
N GLU A 258 20.27 10.85 -8.37
CA GLU A 258 21.06 10.15 -7.38
C GLU A 258 22.52 10.57 -7.47
N ALA A 259 23.05 10.61 -8.70
CA ALA A 259 24.41 11.05 -8.94
C ALA A 259 24.64 12.46 -8.40
N LYS A 260 23.78 13.40 -8.77
CA LYS A 260 23.95 14.81 -8.41
C LYS A 260 23.80 15.07 -6.91
N TYR A 261 23.24 14.13 -6.15
CA TYR A 261 23.00 14.33 -4.72
C TYR A 261 23.84 13.38 -3.88
N GLU A 262 24.84 12.75 -4.51
CA GLU A 262 25.75 11.85 -3.82
C GLU A 262 26.44 12.60 -2.70
N GLY A 263 26.30 12.08 -1.47
CA GLY A 263 26.82 12.78 -0.31
C GLY A 263 26.08 14.02 0.11
N GLU A 264 24.90 14.29 -0.45
CA GLU A 264 23.99 15.29 0.08
C GLU A 264 22.89 14.65 0.92
N GLY A 265 22.34 15.44 1.81
CA GLY A 265 21.26 15.00 2.67
C GLY A 265 19.88 15.40 2.16
N TYR A 266 18.87 14.87 2.84
CA TYR A 266 17.48 15.22 2.52
C TYR A 266 17.30 16.72 2.44
N GLY A 267 17.93 17.46 3.35
CA GLY A 267 17.71 18.89 3.40
C GLY A 267 18.16 19.62 2.15
N LYS A 268 19.40 19.36 1.71
CA LYS A 268 19.86 19.98 0.47
C LYS A 268 18.91 19.68 -0.65
N PHE A 269 18.56 18.40 -0.80
CA PHE A 269 17.74 17.93 -1.92
C PHE A 269 16.32 18.49 -1.86
N LYS A 270 15.63 18.35 -0.72
CA LYS A 270 14.28 18.87 -0.58
C LYS A 270 14.24 20.33 -0.92
N GLY A 271 15.27 21.07 -0.53
CA GLY A 271 15.30 22.49 -0.86
C GLY A 271 15.41 22.74 -2.33
N ASP A 272 16.23 21.94 -3.02
CA ASP A 272 16.36 22.09 -4.47
C ASP A 272 15.04 21.81 -5.17
N LEU A 273 14.46 20.64 -4.87
CA LEU A 273 13.16 20.26 -5.41
C LEU A 273 12.09 21.30 -5.11
N ALA A 274 12.05 21.81 -3.87
CA ALA A 274 11.04 22.79 -3.50
C ALA A 274 11.16 24.05 -4.35
N GLU A 275 12.36 24.34 -4.82
CA GLU A 275 12.52 25.46 -5.74
C GLU A 275 12.19 25.05 -7.17
N ILE A 276 12.36 23.77 -7.51
CA ILE A 276 11.96 23.29 -8.83
C ILE A 276 10.44 23.33 -8.98
N VAL A 277 9.72 22.81 -7.98
CA VAL A 277 8.27 22.85 -7.99
C VAL A 277 7.81 24.29 -8.10
N LYS A 278 8.31 25.14 -7.21
CA LYS A 278 7.96 26.55 -7.26
C LYS A 278 8.29 27.15 -8.63
N ALA A 279 9.45 26.80 -9.18
CA ALA A 279 9.82 27.30 -10.49
C ALA A 279 8.82 26.84 -11.53
N PHE A 280 8.42 25.58 -11.47
CA PHE A 280 7.62 24.99 -12.53
C PHE A 280 6.20 25.53 -12.52
N LEU A 281 5.60 25.65 -11.34
CA LEU A 281 4.24 26.14 -11.28
C LEU A 281 4.15 27.57 -11.78
N VAL A 282 5.24 28.32 -11.70
CA VAL A 282 5.18 29.69 -12.22
C VAL A 282 5.26 29.68 -13.73
N GLU A 283 6.02 28.75 -14.31
CA GLU A 283 6.06 28.65 -15.76
C GLU A 283 4.71 28.15 -16.26
N PHE A 284 4.17 27.13 -15.61
CA PHE A 284 2.85 26.65 -15.95
C PHE A 284 1.82 27.74 -15.74
N GLN A 285 1.68 28.24 -14.51
CA GLN A 285 0.57 29.14 -14.24
C GLN A 285 0.65 30.44 -15.02
N GLU A 286 1.83 30.86 -15.45
CA GLU A 286 1.80 32.03 -16.32
C GLU A 286 1.29 31.66 -17.71
N LYS A 287 1.60 30.45 -18.19
CA LYS A 287 0.92 29.93 -19.39
C LYS A 287 -0.59 29.84 -19.15
N TYR A 288 -1.00 29.32 -17.99
CA TYR A 288 -2.39 29.03 -17.73
C TYR A 288 -3.24 30.28 -17.72
N GLU A 289 -2.78 31.32 -17.04
CA GLU A 289 -3.56 32.56 -17.03
C GLU A 289 -3.60 33.14 -18.43
N SER A 290 -2.49 33.03 -19.17
CA SER A 290 -2.49 33.65 -20.49
C SER A 290 -3.45 32.95 -21.42
N PHE A 291 -3.84 31.71 -21.11
CA PHE A 291 -4.90 31.07 -21.87
C PHE A 291 -6.26 31.34 -21.22
N TYR A 292 -6.40 30.98 -19.94
CA TYR A 292 -7.69 31.12 -19.26
C TYR A 292 -8.27 32.51 -19.44
N ASN A 293 -7.42 33.53 -19.52
CA ASN A 293 -7.86 34.92 -19.53
C ASN A 293 -7.78 35.53 -20.93
N SER A 294 -7.85 34.72 -21.98
CA SER A 294 -7.48 35.10 -23.33
C SER A 294 -8.62 34.90 -24.31
N ASP A 295 -8.77 35.87 -25.23
CA ASP A 295 -9.74 35.72 -26.29
C ASP A 295 -9.40 34.58 -27.23
N LYS A 296 -8.13 34.16 -27.26
CA LYS A 296 -7.81 33.08 -28.17
C LYS A 296 -8.32 31.74 -27.66
N LEU A 297 -8.64 31.62 -26.37
CA LEU A 297 -9.20 30.37 -25.85
C LEU A 297 -10.53 30.04 -26.53
N ASP A 298 -11.40 31.03 -26.69
CA ASP A 298 -12.63 30.80 -27.44
C ASP A 298 -12.33 30.41 -28.88
N ASP A 299 -11.32 31.04 -29.51
CA ASP A 299 -10.99 30.65 -30.87
C ASP A 299 -10.49 29.21 -30.93
N ILE A 300 -9.73 28.80 -29.93
CA ILE A 300 -9.13 27.47 -29.98
C ILE A 300 -10.20 26.41 -29.78
N LEU A 301 -11.05 26.59 -28.78
CA LEU A 301 -12.09 25.62 -28.53
C LEU A 301 -13.12 25.61 -29.65
N ASP A 302 -13.29 26.75 -30.32
CA ASP A 302 -14.11 26.76 -31.53
C ASP A 302 -13.49 25.86 -32.60
N GLN A 303 -12.19 26.06 -32.88
CA GLN A 303 -11.52 25.21 -33.85
C GLN A 303 -11.58 23.75 -33.42
N GLY A 304 -11.47 23.51 -32.12
CA GLY A 304 -11.47 22.15 -31.64
C GLY A 304 -12.84 21.53 -31.64
N ARG A 305 -13.89 22.36 -31.57
CA ARG A 305 -15.25 21.83 -31.67
C ARG A 305 -15.57 21.45 -33.11
N ASP A 306 -15.21 22.31 -34.06
CA ASP A 306 -15.50 22.05 -35.46
C ASP A 306 -14.81 20.78 -35.93
N LYS A 307 -13.51 20.64 -35.62
CA LYS A 307 -12.80 19.39 -35.87
C LYS A 307 -13.62 18.20 -35.39
N ALA A 308 -13.92 18.17 -34.09
CA ALA A 308 -14.55 17.01 -33.48
C ALA A 308 -15.94 16.75 -34.06
N HIS A 309 -16.67 17.83 -34.39
CA HIS A 309 -17.95 17.67 -35.04
C HIS A 309 -17.80 16.96 -36.38
N LYS A 310 -16.96 17.50 -37.26
CA LYS A 310 -16.82 16.96 -38.62
C LYS A 310 -16.57 15.46 -38.59
N VAL A 311 -15.80 15.01 -37.62
CA VAL A 311 -15.55 13.58 -37.50
C VAL A 311 -16.77 12.86 -36.95
N SER A 312 -17.24 13.29 -35.79
CA SER A 312 -18.36 12.60 -35.12
C SER A 312 -19.64 12.63 -35.96
N PHE A 313 -19.87 13.72 -36.70
CA PHE A 313 -21.05 13.81 -37.56
C PHE A 313 -21.15 12.60 -38.47
N LYS A 314 -20.07 12.29 -39.18
CA LYS A 314 -20.14 11.14 -40.08
C LYS A 314 -20.36 9.85 -39.32
N THR A 315 -19.84 9.72 -38.11
CA THR A 315 -20.13 8.50 -37.36
C THR A 315 -21.61 8.42 -37.00
N VAL A 316 -22.22 9.53 -36.59
CA VAL A 316 -23.64 9.47 -36.25
C VAL A 316 -24.47 9.15 -37.48
N LYS A 317 -24.13 9.76 -38.63
CA LYS A 317 -24.93 9.55 -39.82
C LYS A 317 -24.86 8.09 -40.30
N LYS A 318 -23.67 7.49 -40.24
CA LYS A 318 -23.55 6.06 -40.51
C LYS A 318 -24.39 5.25 -39.52
N MET A 319 -24.52 5.73 -38.28
CA MET A 319 -25.27 4.98 -37.27
C MET A 319 -26.77 5.11 -37.50
N GLU A 320 -27.23 6.33 -37.78
CA GLU A 320 -28.63 6.57 -38.05
C GLU A 320 -29.08 5.68 -39.21
N LYS A 321 -28.36 5.74 -40.33
CA LYS A 321 -28.71 4.91 -41.49
C LYS A 321 -28.75 3.44 -41.10
N ALA A 322 -27.82 3.02 -40.25
CA ALA A 322 -27.72 1.62 -39.87
C ALA A 322 -28.90 1.15 -39.02
N MET A 323 -29.59 2.06 -38.34
CA MET A 323 -30.72 1.71 -37.50
C MET A 323 -32.06 2.12 -38.07
N GLY A 324 -32.06 2.95 -39.12
CA GLY A 324 -33.29 3.44 -39.71
C GLY A 324 -33.83 4.71 -39.13
N LEU A 325 -32.99 5.54 -38.52
CA LEU A 325 -33.45 6.84 -38.10
C LEU A 325 -33.45 7.80 -39.28
N GLY A 326 -34.25 8.86 -39.18
CA GLY A 326 -34.18 9.94 -40.14
C GLY A 326 -34.70 9.54 -41.52
N ARG A 327 -34.09 10.15 -42.53
CA ARG A 327 -34.43 9.93 -43.93
C ARG A 327 -33.23 9.41 -44.71
N LYS A 328 -33.46 9.05 -45.97
CA LYS A 328 -32.37 8.95 -46.92
C LYS A 328 -32.41 10.20 -47.79
N ARG A 329 -31.34 10.97 -47.72
CA ARG A 329 -31.14 12.12 -48.58
C ARG A 329 -29.88 11.81 -49.39
N MET B 1 -9.81 -16.53 -33.08
CA MET B 1 -10.06 -16.37 -31.66
C MET B 1 -8.86 -15.62 -31.05
N GLU B 2 -9.08 -14.85 -29.97
CA GLU B 2 -8.00 -14.10 -29.35
C GLU B 2 -7.32 -14.95 -28.29
N THR B 3 -5.99 -14.80 -28.19
CA THR B 3 -5.18 -15.52 -27.22
C THR B 3 -4.86 -14.62 -26.02
N LEU B 4 -5.18 -15.12 -24.82
CA LEU B 4 -4.90 -14.43 -23.57
C LEU B 4 -3.78 -15.14 -22.80
N PHE B 5 -2.85 -14.36 -22.25
CA PHE B 5 -1.75 -14.86 -21.44
C PHE B 5 -1.74 -14.16 -20.10
N SER B 6 -1.70 -14.93 -19.01
CA SER B 6 -1.57 -14.39 -17.66
C SER B 6 -0.40 -15.04 -16.92
N GLY B 7 0.58 -14.23 -16.51
CA GLY B 7 1.63 -14.72 -15.64
C GLY B 7 1.13 -14.93 -14.21
N ILE B 8 1.14 -16.18 -13.76
CA ILE B 8 0.71 -16.57 -12.41
C ILE B 8 1.94 -16.75 -11.54
N GLN B 9 2.17 -15.81 -10.63
CA GLN B 9 3.26 -15.94 -9.65
C GLN B 9 2.98 -17.13 -8.74
N PRO B 10 3.88 -18.12 -8.66
CA PRO B 10 3.55 -19.32 -7.88
C PRO B 10 3.91 -19.17 -6.42
N SER B 11 3.76 -17.98 -5.87
CA SER B 11 4.33 -17.71 -4.55
C SER B 11 3.39 -16.88 -3.69
N GLY B 12 2.10 -16.92 -3.98
CA GLY B 12 1.10 -16.27 -3.17
C GLY B 12 -0.23 -16.96 -3.40
N ILE B 13 -0.89 -17.32 -2.30
CA ILE B 13 -2.17 -18.08 -2.42
C ILE B 13 -3.29 -17.08 -2.70
N PRO B 14 -3.99 -17.19 -3.84
CA PRO B 14 -5.03 -16.20 -4.22
C PRO B 14 -6.07 -16.06 -3.11
N THR B 15 -6.51 -14.84 -2.85
CA THR B 15 -7.53 -14.59 -1.82
C THR B 15 -8.87 -14.50 -2.48
N ILE B 16 -9.94 -14.37 -1.70
CA ILE B 16 -11.33 -14.36 -2.26
C ILE B 16 -11.47 -13.17 -3.23
N GLY B 17 -10.77 -12.08 -2.97
CA GLY B 17 -10.84 -10.91 -3.86
C GLY B 17 -10.29 -11.29 -5.20
N ASN B 18 -9.23 -12.08 -5.18
CA ASN B 18 -8.67 -12.59 -6.43
C ASN B 18 -9.60 -13.60 -7.10
N TYR B 19 -10.28 -14.45 -6.32
CA TYR B 19 -11.28 -15.34 -6.90
C TYR B 19 -12.35 -14.54 -7.63
N ILE B 20 -13.00 -13.64 -6.90
CA ILE B 20 -14.00 -12.74 -7.49
C ILE B 20 -13.38 -11.92 -8.62
N GLY B 21 -12.16 -11.42 -8.43
CA GLY B 21 -11.60 -10.50 -9.40
C GLY B 21 -11.19 -11.17 -10.71
N ALA B 22 -10.51 -12.31 -10.62
CA ALA B 22 -10.02 -12.97 -11.82
C ALA B 22 -10.52 -14.40 -11.96
N LEU B 23 -10.36 -15.24 -10.94
CA LEU B 23 -10.41 -16.68 -11.16
C LEU B 23 -11.77 -17.10 -11.68
N LYS B 24 -12.83 -16.60 -11.06
CA LYS B 24 -14.17 -17.03 -11.46
C LYS B 24 -14.48 -16.58 -12.87
N GLN B 25 -13.97 -15.41 -13.27
CA GLN B 25 -14.19 -14.94 -14.64
C GLN B 25 -13.43 -15.77 -15.66
N PHE B 26 -12.25 -16.29 -15.30
CA PHE B 26 -11.51 -17.13 -16.24
C PHE B 26 -12.33 -18.33 -16.68
N VAL B 27 -13.00 -18.98 -15.72
CA VAL B 27 -13.80 -20.17 -16.01
C VAL B 27 -14.79 -19.92 -17.13
N ASP B 28 -15.23 -18.67 -17.31
CA ASP B 28 -16.12 -18.39 -18.42
C ASP B 28 -15.37 -17.88 -19.65
N VAL B 29 -14.30 -17.09 -19.48
CA VAL B 29 -13.60 -16.54 -20.64
C VAL B 29 -12.74 -17.57 -21.36
N GLN B 30 -12.58 -18.76 -20.79
CA GLN B 30 -11.80 -19.80 -21.45
C GLN B 30 -12.57 -20.49 -22.55
N ASN B 31 -13.90 -20.32 -22.58
CA ASN B 31 -14.75 -20.82 -23.65
C ASN B 31 -14.69 -19.96 -24.90
N ASP B 32 -14.17 -18.75 -24.80
CA ASP B 32 -14.15 -17.80 -25.90
C ASP B 32 -12.77 -17.25 -26.17
N TYR B 33 -11.79 -17.52 -25.31
CA TYR B 33 -10.43 -17.07 -25.55
C TYR B 33 -9.46 -18.24 -25.35
N ASP B 34 -8.44 -18.27 -26.21
CA ASP B 34 -7.36 -19.25 -26.11
C ASP B 34 -6.45 -18.78 -24.99
N CYS B 35 -6.69 -19.32 -23.80
CA CYS B 35 -6.06 -18.83 -22.59
C CYS B 35 -4.90 -19.72 -22.17
N TYR B 36 -3.76 -19.08 -21.95
CA TYR B 36 -2.54 -19.73 -21.47
C TYR B 36 -2.31 -19.21 -20.05
N PHE B 37 -2.59 -20.07 -19.06
CA PHE B 37 -2.34 -19.76 -17.65
C PHE B 37 -1.03 -20.39 -17.28
N CYS B 38 -0.02 -19.54 -17.06
CA CYS B 38 1.36 -19.96 -16.93
C CYS B 38 1.85 -19.70 -15.51
N ILE B 39 2.37 -20.73 -14.86
CA ILE B 39 2.88 -20.59 -13.51
C ILE B 39 4.36 -20.21 -13.59
N VAL B 40 4.68 -18.97 -13.23
CA VAL B 40 5.98 -18.37 -13.60
C VAL B 40 6.95 -18.65 -12.47
N ASP B 41 7.44 -19.87 -12.44
CA ASP B 41 8.40 -20.26 -11.43
C ASP B 41 9.79 -19.72 -11.73
N GLN B 42 10.10 -19.45 -13.00
CA GLN B 42 11.38 -18.81 -13.30
C GLN B 42 11.36 -17.35 -12.89
N HIS B 43 10.17 -16.74 -12.84
CA HIS B 43 10.00 -15.43 -12.23
C HIS B 43 10.00 -15.50 -10.72
N ALA B 44 9.56 -16.64 -10.18
CA ALA B 44 9.49 -16.80 -8.74
C ALA B 44 10.81 -16.46 -8.07
N ILE B 45 11.92 -16.70 -8.78
CA ILE B 45 13.23 -16.83 -8.17
C ILE B 45 14.10 -15.58 -8.30
N THR B 46 13.65 -14.56 -9.03
CA THR B 46 14.27 -13.25 -8.83
C THR B 46 14.06 -12.77 -7.40
N MET B 47 13.03 -13.28 -6.74
CA MET B 47 12.63 -13.01 -5.37
C MET B 47 13.26 -14.05 -4.46
N PRO B 48 13.11 -13.93 -3.14
CA PRO B 48 13.59 -14.99 -2.24
C PRO B 48 12.55 -16.09 -2.01
N GLN B 49 12.97 -17.36 -2.15
CA GLN B 49 12.10 -18.52 -2.01
C GLN B 49 12.91 -19.72 -1.56
N ASP B 50 12.46 -20.41 -0.51
CA ASP B 50 13.02 -21.73 -0.18
C ASP B 50 12.65 -22.75 -1.24
N ARG B 51 13.63 -23.57 -1.67
CA ARG B 51 13.35 -24.44 -2.80
C ARG B 51 12.30 -25.49 -2.47
N LEU B 52 12.31 -26.01 -1.24
CA LEU B 52 11.31 -27.01 -0.90
C LEU B 52 9.90 -26.41 -0.92
N LYS B 53 9.79 -25.10 -0.72
CA LYS B 53 8.51 -24.42 -0.72
C LYS B 53 8.00 -24.17 -2.14
N LEU B 54 8.87 -23.74 -3.06
CA LEU B 54 8.41 -23.38 -4.39
C LEU B 54 7.79 -24.56 -5.12
N ARG B 55 8.40 -25.74 -5.02
CA ARG B 55 7.79 -26.96 -5.56
C ARG B 55 6.39 -27.18 -5.01
N LYS B 56 6.16 -26.84 -3.74
CA LYS B 56 4.85 -27.00 -3.13
C LYS B 56 3.92 -25.89 -3.59
N GLN B 57 4.37 -24.64 -3.45
CA GLN B 57 3.55 -23.48 -3.80
C GLN B 57 3.08 -23.53 -5.25
N THR B 58 3.87 -24.11 -6.14
CA THR B 58 3.42 -24.30 -7.51
C THR B 58 2.38 -25.41 -7.61
N ARG B 59 2.63 -26.56 -6.96
CA ARG B 59 1.61 -27.60 -6.93
C ARG B 59 0.34 -27.08 -6.27
N GLN B 60 0.45 -26.07 -5.41
CA GLN B 60 -0.73 -25.39 -4.88
C GLN B 60 -1.40 -24.53 -5.95
N LEU B 61 -0.65 -23.66 -6.63
CA LEU B 61 -1.27 -22.81 -7.64
C LEU B 61 -1.93 -23.64 -8.73
N ALA B 62 -1.27 -24.71 -9.18
CA ALA B 62 -1.87 -25.55 -10.20
C ALA B 62 -3.22 -26.09 -9.74
N ALA B 63 -3.27 -26.59 -8.49
CA ALA B 63 -4.52 -27.14 -7.96
C ALA B 63 -5.55 -26.03 -7.72
N ILE B 64 -5.11 -24.90 -7.20
CA ILE B 64 -6.03 -23.78 -6.95
C ILE B 64 -6.71 -23.35 -8.23
N TYR B 65 -5.99 -23.35 -9.35
CA TYR B 65 -6.61 -22.95 -10.61
C TYR B 65 -7.54 -24.02 -11.18
N LEU B 66 -7.13 -25.30 -11.13
CA LEU B 66 -8.01 -26.37 -11.58
C LEU B 66 -9.28 -26.43 -10.75
N ALA B 67 -9.15 -26.24 -9.42
CA ALA B 67 -10.30 -26.31 -8.53
C ALA B 67 -11.26 -25.14 -8.73
N SER B 68 -10.75 -23.99 -9.14
CA SER B 68 -11.62 -22.91 -9.57
C SER B 68 -12.18 -23.13 -10.95
N GLY B 69 -11.94 -24.27 -11.57
CA GLY B 69 -12.58 -24.61 -12.82
C GLY B 69 -11.81 -24.32 -14.08
N ILE B 70 -10.49 -24.22 -14.02
CA ILE B 70 -9.73 -24.16 -15.26
C ILE B 70 -9.85 -25.50 -15.95
N ASP B 71 -10.07 -25.48 -17.23
CA ASP B 71 -10.36 -26.72 -17.92
C ASP B 71 -9.15 -27.03 -18.78
N PRO B 72 -8.35 -28.03 -18.44
CA PRO B 72 -7.05 -28.20 -19.11
C PRO B 72 -7.18 -28.42 -20.59
N ASP B 73 -8.36 -28.82 -21.05
CA ASP B 73 -8.64 -28.99 -22.47
C ASP B 73 -9.02 -27.67 -23.12
N LYS B 74 -9.67 -26.79 -22.34
CA LYS B 74 -9.98 -25.46 -22.84
C LYS B 74 -8.80 -24.52 -22.71
N ALA B 75 -7.97 -24.69 -21.68
CA ALA B 75 -6.85 -23.81 -21.38
C ALA B 75 -5.54 -24.57 -21.44
N THR B 76 -4.48 -23.83 -21.72
CA THR B 76 -3.13 -24.33 -21.51
C THR B 76 -2.67 -23.83 -20.14
N LEU B 77 -2.62 -24.73 -19.17
CA LEU B 77 -2.13 -24.45 -17.82
C LEU B 77 -0.82 -25.20 -17.64
N PHE B 78 0.29 -24.47 -17.53
CA PHE B 78 1.61 -25.07 -17.63
C PHE B 78 2.58 -24.31 -16.75
N ILE B 79 3.75 -24.91 -16.57
CA ILE B 79 4.75 -24.36 -15.68
C ILE B 79 5.90 -23.78 -16.50
N GLN B 80 6.31 -22.57 -16.12
CA GLN B 80 7.21 -21.76 -16.96
C GLN B 80 8.52 -22.49 -17.25
N SER B 81 9.17 -23.02 -16.22
CA SER B 81 10.49 -23.58 -16.41
C SER B 81 10.46 -24.83 -17.28
N GLU B 82 9.27 -25.40 -17.54
CA GLU B 82 9.18 -26.62 -18.30
C GLU B 82 9.02 -26.36 -19.78
N VAL B 83 9.03 -25.09 -20.17
CA VAL B 83 9.06 -24.72 -21.58
C VAL B 83 10.36 -23.97 -21.76
N PRO B 84 11.38 -24.60 -22.34
CA PRO B 84 12.63 -23.89 -22.61
C PRO B 84 12.43 -22.69 -23.49
N ALA B 85 11.35 -22.68 -24.26
CA ALA B 85 11.09 -21.56 -25.14
C ALA B 85 11.08 -20.24 -24.36
N HIS B 86 10.69 -20.26 -23.09
CA HIS B 86 10.58 -19.00 -22.37
C HIS B 86 11.95 -18.37 -22.14
N VAL B 87 12.92 -19.14 -21.62
CA VAL B 87 14.25 -18.60 -21.38
C VAL B 87 14.99 -18.34 -22.67
N GLN B 88 14.64 -19.06 -23.73
CA GLN B 88 15.25 -18.79 -25.03
C GLN B 88 14.73 -17.51 -25.65
N ALA B 89 13.42 -17.33 -25.63
CA ALA B 89 12.84 -16.07 -26.12
C ALA B 89 13.22 -14.91 -25.19
N GLY B 90 13.36 -15.18 -23.89
CA GLY B 90 13.83 -14.15 -22.98
C GLY B 90 15.22 -13.63 -23.35
N TRP B 91 16.18 -14.55 -23.51
CA TRP B 91 17.55 -14.13 -23.79
C TRP B 91 17.59 -13.27 -25.05
N MET B 92 16.98 -13.75 -26.13
CA MET B 92 17.00 -13.00 -27.39
C MET B 92 16.48 -11.59 -27.19
N LEU B 93 15.25 -11.47 -26.68
CA LEU B 93 14.68 -10.16 -26.42
C LEU B 93 15.58 -9.34 -25.51
N THR B 94 16.30 -10.01 -24.60
CA THR B 94 17.12 -9.25 -23.68
C THR B 94 18.25 -8.57 -24.43
N THR B 95 18.77 -9.19 -25.51
CA THR B 95 19.91 -8.60 -26.21
C THR B 95 19.55 -7.41 -27.07
N ILE B 96 18.26 -7.12 -27.24
CA ILE B 96 17.83 -5.94 -27.98
C ILE B 96 17.21 -4.87 -27.06
N ALA B 97 16.71 -5.26 -25.90
CA ALA B 97 16.49 -4.32 -24.82
C ALA B 97 17.75 -3.48 -24.59
N SER B 98 17.57 -2.17 -24.46
CA SER B 98 18.66 -1.30 -24.01
C SER B 98 18.82 -1.43 -22.50
N VAL B 99 20.03 -1.16 -22.02
CA VAL B 99 20.29 -1.33 -20.59
C VAL B 99 19.33 -0.47 -19.80
N GLY B 100 19.38 0.85 -20.04
CA GLY B 100 18.59 1.77 -19.25
C GLY B 100 17.11 1.47 -19.27
N GLU B 101 16.63 0.81 -20.34
CA GLU B 101 15.25 0.40 -20.34
C GLU B 101 14.96 -0.47 -19.13
N LEU B 102 15.79 -1.48 -18.89
CA LEU B 102 15.62 -2.33 -17.72
C LEU B 102 15.65 -1.50 -16.46
N GLU B 103 16.50 -0.47 -16.45
CA GLU B 103 16.67 0.39 -15.29
C GLU B 103 15.38 1.13 -14.94
N ARG B 104 14.77 1.75 -15.95
CA ARG B 104 13.55 2.51 -15.73
C ARG B 104 12.42 1.64 -15.22
N MET B 105 12.34 0.38 -15.64
CA MET B 105 11.33 -0.51 -15.06
C MET B 105 11.41 -0.55 -13.53
N THR B 106 12.61 -0.44 -12.94
CA THR B 106 12.70 -0.42 -11.48
C THR B 106 12.13 0.87 -10.91
N GLN B 107 12.34 1.96 -11.63
CA GLN B 107 11.71 3.23 -11.31
C GLN B 107 10.20 3.15 -11.50
N TYR B 108 9.46 3.79 -10.59
CA TYR B 108 8.02 3.57 -10.50
C TYR B 108 7.77 2.07 -10.38
N GLY B 118 24.20 -7.79 -2.92
CA GLY B 118 23.43 -6.63 -3.35
C GLY B 118 22.02 -6.88 -3.89
N ILE B 119 21.68 -6.25 -5.02
CA ILE B 119 20.36 -6.29 -5.60
C ILE B 119 20.30 -7.48 -6.63
N PRO B 120 19.46 -8.48 -6.38
CA PRO B 120 19.43 -9.61 -7.33
C PRO B 120 19.17 -9.10 -8.74
N ALA B 121 19.87 -9.70 -9.70
CA ALA B 121 19.81 -9.20 -11.07
C ALA B 121 18.53 -9.63 -11.77
N GLY B 122 17.90 -10.71 -11.30
CA GLY B 122 16.64 -11.10 -11.89
C GLY B 122 15.62 -9.98 -11.78
N LEU B 123 15.65 -9.24 -10.67
CA LEU B 123 14.84 -8.07 -10.42
C LEU B 123 15.21 -6.90 -11.31
N LEU B 124 16.15 -7.09 -12.22
CA LEU B 124 16.44 -6.16 -13.29
C LEU B 124 16.11 -6.72 -14.67
N THR B 125 16.38 -7.99 -14.85
CA THR B 125 16.43 -8.65 -16.14
C THR B 125 15.20 -9.50 -16.42
N TYR B 126 14.20 -9.48 -15.56
CA TYR B 126 12.99 -10.24 -15.83
C TYR B 126 12.04 -9.59 -16.84
N PRO B 127 11.98 -8.26 -16.98
CA PRO B 127 11.05 -7.67 -17.95
C PRO B 127 11.15 -8.34 -19.32
N PRO B 128 12.33 -8.46 -19.92
CA PRO B 128 12.37 -9.23 -21.19
C PRO B 128 11.86 -10.65 -21.04
N LEU B 129 12.07 -11.30 -19.89
CA LEU B 129 11.50 -12.62 -19.69
C LEU B 129 9.97 -12.55 -19.72
N MET B 130 9.39 -11.61 -18.98
CA MET B 130 7.94 -11.44 -19.00
C MET B 130 7.44 -11.22 -20.42
N ALA B 131 8.10 -10.32 -21.16
CA ALA B 131 7.74 -10.07 -22.55
C ALA B 131 7.74 -11.38 -23.34
N ALA B 132 8.84 -12.13 -23.25
CA ALA B 132 8.96 -13.38 -23.99
C ALA B 132 7.84 -14.34 -23.62
N ASP B 133 7.50 -14.42 -22.32
CA ASP B 133 6.34 -15.19 -21.89
C ASP B 133 5.10 -14.86 -22.72
N ILE B 134 4.87 -13.59 -22.97
CA ILE B 134 3.65 -13.19 -23.63
C ILE B 134 3.75 -13.48 -25.12
N VAL B 135 4.78 -12.95 -25.77
CA VAL B 135 4.83 -13.01 -27.23
C VAL B 135 5.08 -14.40 -27.79
N LEU B 136 5.39 -15.38 -26.93
CA LEU B 136 5.63 -16.74 -27.39
C LEU B 136 4.37 -17.42 -27.89
N TYR B 137 3.20 -17.00 -27.41
CA TYR B 137 1.92 -17.56 -27.82
C TYR B 137 1.17 -16.59 -28.71
N ASN B 138 1.92 -15.70 -29.33
CA ASN B 138 1.41 -14.57 -30.08
C ASN B 138 0.24 -13.95 -29.35
N THR B 139 0.50 -13.53 -28.12
CA THR B 139 -0.61 -13.23 -27.24
C THR B 139 -1.23 -11.89 -27.61
N ASN B 140 -2.57 -11.90 -27.72
CA ASN B 140 -3.37 -10.72 -28.07
C ASN B 140 -3.71 -9.86 -26.87
N ILE B 141 -4.18 -10.45 -25.78
CA ILE B 141 -4.56 -9.68 -24.63
C ILE B 141 -3.82 -10.21 -23.43
N VAL B 142 -3.44 -9.33 -22.52
CA VAL B 142 -2.91 -9.69 -21.22
C VAL B 142 -3.79 -9.03 -20.14
N PRO B 143 -4.34 -9.80 -19.21
CA PRO B 143 -4.94 -9.24 -18.00
C PRO B 143 -3.94 -8.96 -16.88
N VAL B 144 -3.35 -7.77 -16.91
CA VAL B 144 -2.49 -7.32 -15.82
C VAL B 144 -2.96 -5.93 -15.39
N GLY B 145 -2.76 -5.65 -14.10
CA GLY B 145 -3.24 -4.42 -13.51
C GLY B 145 -2.38 -3.21 -13.84
N ASP B 146 -2.75 -2.08 -13.25
CA ASP B 146 -2.00 -0.85 -13.53
C ASP B 146 -0.54 -0.93 -13.09
N ASP B 147 -0.21 -1.81 -12.15
CA ASP B 147 1.21 -1.93 -11.79
C ASP B 147 2.03 -2.67 -12.85
N GLN B 148 1.42 -3.11 -13.95
CA GLN B 148 2.13 -3.80 -15.03
C GLN B 148 1.97 -3.06 -16.36
N LYS B 149 1.53 -1.80 -16.34
CA LYS B 149 1.31 -1.09 -17.59
C LYS B 149 2.61 -0.88 -18.37
N GLN B 150 3.71 -0.58 -17.66
CA GLN B 150 4.99 -0.35 -18.33
C GLN B 150 5.62 -1.65 -18.83
N HIS B 151 5.38 -2.77 -18.13
CA HIS B 151 5.81 -4.06 -18.62
C HIS B 151 5.24 -4.32 -20.01
N ILE B 152 3.94 -4.07 -20.17
CA ILE B 152 3.34 -4.28 -21.47
C ILE B 152 3.83 -3.23 -22.47
N GLU B 153 4.11 -1.99 -22.02
CA GLU B 153 4.66 -1.00 -22.95
C GLU B 153 5.97 -1.51 -23.53
N LEU B 154 6.84 -2.03 -22.66
CA LEU B 154 8.12 -2.57 -23.11
C LEU B 154 7.88 -3.74 -24.06
N THR B 155 6.98 -4.65 -23.68
CA THR B 155 6.70 -5.78 -24.56
C THR B 155 6.32 -5.31 -25.96
N ARG B 156 5.35 -4.39 -26.06
CA ARG B 156 4.98 -3.90 -27.39
C ARG B 156 6.14 -3.16 -28.04
N ASN B 157 7.01 -2.55 -27.25
CA ASN B 157 8.17 -1.90 -27.84
C ASN B 157 9.21 -2.90 -28.32
N LEU B 158 9.38 -4.01 -27.58
CA LEU B 158 10.29 -5.04 -28.06
C LEU B 158 9.72 -5.72 -29.30
N VAL B 159 8.45 -6.14 -29.25
CA VAL B 159 7.78 -6.69 -30.42
C VAL B 159 7.99 -5.77 -31.61
N ASP B 160 7.61 -4.50 -31.46
CA ASP B 160 7.92 -3.50 -32.46
C ASP B 160 9.36 -3.61 -32.93
N ARG B 161 10.30 -3.51 -31.97
CA ARG B 161 11.71 -3.47 -32.31
C ARG B 161 12.15 -4.71 -33.08
N PHE B 162 11.75 -5.90 -32.62
CA PHE B 162 12.14 -7.12 -33.31
C PHE B 162 11.54 -7.21 -34.71
N ASN B 163 10.21 -7.07 -34.80
CA ASN B 163 9.52 -7.30 -36.07
C ASN B 163 10.00 -6.39 -37.19
N SER B 164 10.79 -5.35 -36.90
CA SER B 164 11.26 -4.42 -37.93
C SER B 164 12.75 -4.36 -38.03
N ARG B 165 13.47 -4.83 -37.01
CA ARG B 165 14.91 -4.93 -37.10
C ARG B 165 15.31 -6.25 -37.75
N TYR B 166 14.56 -7.30 -37.45
CA TYR B 166 14.82 -8.64 -38.03
C TYR B 166 13.70 -9.02 -39.01
N ASN B 167 12.59 -9.58 -38.53
CA ASN B 167 11.47 -10.02 -39.41
C ASN B 167 10.15 -10.05 -38.63
N ASP B 168 9.06 -9.57 -39.25
CA ASP B 168 7.73 -9.52 -38.58
C ASP B 168 7.26 -10.92 -38.24
N VAL B 169 7.33 -11.29 -36.97
CA VAL B 169 6.89 -12.65 -36.55
C VAL B 169 6.20 -12.60 -35.17
N LEU B 170 6.12 -11.43 -34.53
CA LEU B 170 5.60 -11.44 -33.18
C LEU B 170 4.43 -10.51 -33.05
N VAL B 171 3.72 -10.62 -31.93
CA VAL B 171 2.43 -9.97 -31.76
C VAL B 171 2.46 -9.04 -30.56
N LYS B 172 2.07 -7.77 -30.79
CA LYS B 172 1.86 -6.81 -29.71
C LYS B 172 0.62 -7.21 -28.92
N PRO B 173 0.74 -7.47 -27.62
CA PRO B 173 -0.44 -7.64 -26.79
C PRO B 173 -1.03 -6.30 -26.32
N GLU B 174 -2.34 -6.30 -26.10
CA GLU B 174 -3.01 -5.26 -25.34
C GLU B 174 -3.33 -5.76 -23.94
N ILE B 175 -3.62 -4.83 -23.05
CA ILE B 175 -4.07 -5.20 -21.72
C ILE B 175 -5.59 -5.22 -21.75
N ARG B 176 -6.16 -6.35 -21.36
CA ARG B 176 -7.61 -6.49 -21.37
C ARG B 176 -8.00 -7.68 -20.51
N MET B 177 -8.72 -7.42 -19.44
CA MET B 177 -9.39 -8.50 -18.75
C MET B 177 -10.77 -8.64 -19.38
N PRO B 178 -11.08 -9.74 -20.12
CA PRO B 178 -12.35 -9.81 -20.86
C PRO B 178 -13.56 -9.49 -20.00
N LYS B 179 -13.84 -10.24 -18.95
CA LYS B 179 -14.94 -9.92 -18.04
C LYS B 179 -14.33 -9.51 -16.70
N VAL B 180 -14.66 -8.30 -16.24
CA VAL B 180 -13.80 -7.59 -15.31
C VAL B 180 -13.91 -8.11 -13.89
N GLY B 181 -15.03 -8.66 -13.48
CA GLY B 181 -15.11 -9.14 -12.12
C GLY B 181 -15.08 -8.09 -11.01
N GLY B 182 -15.53 -8.49 -9.83
CA GLY B 182 -15.86 -7.53 -8.79
C GLY B 182 -14.65 -7.07 -7.99
N ARG B 183 -14.55 -5.77 -7.76
CA ARG B 183 -13.53 -5.23 -6.88
C ARG B 183 -13.80 -5.66 -5.45
N VAL B 184 -12.85 -6.32 -4.80
CA VAL B 184 -13.04 -6.77 -3.41
C VAL B 184 -12.00 -6.07 -2.55
N MET B 185 -12.48 -5.38 -1.53
CA MET B 185 -11.64 -4.55 -0.68
C MET B 185 -11.20 -5.37 0.54
N SER B 186 -10.22 -4.83 1.26
CA SER B 186 -9.78 -5.49 2.49
C SER B 186 -10.86 -5.31 3.56
N LEU B 187 -11.05 -6.35 4.37
CA LEU B 187 -12.15 -6.34 5.35
C LEU B 187 -11.95 -5.25 6.40
N GLN B 188 -10.71 -5.03 6.83
CA GLN B 188 -10.44 -4.03 7.86
C GLN B 188 -10.24 -2.65 7.25
N ASP B 189 -9.69 -2.57 6.03
CA ASP B 189 -9.53 -1.34 5.27
C ASP B 189 -10.37 -1.41 3.99
N PRO B 190 -11.61 -0.92 4.01
CA PRO B 190 -12.44 -0.95 2.79
C PRO B 190 -12.11 0.13 1.77
N THR B 191 -10.93 0.74 1.88
CA THR B 191 -10.36 1.55 0.79
C THR B 191 -9.24 0.84 0.05
N ARG B 192 -8.54 -0.09 0.70
CA ARG B 192 -7.38 -0.77 0.16
C ARG B 192 -7.76 -2.15 -0.38
N LYS B 193 -7.27 -2.48 -1.59
CA LYS B 193 -7.67 -3.73 -2.22
C LYS B 193 -7.22 -4.91 -1.37
N MET B 194 -8.05 -5.94 -1.32
CA MET B 194 -7.70 -7.14 -0.58
C MET B 194 -6.56 -7.84 -1.30
N SER B 195 -5.42 -8.00 -0.63
CA SER B 195 -4.22 -8.55 -1.24
C SER B 195 -3.67 -9.72 -0.42
N LYS B 196 -3.20 -10.75 -1.13
CA LYS B 196 -2.71 -11.95 -0.48
C LYS B 196 -1.57 -11.67 0.48
N SER B 197 -0.83 -10.58 0.29
CA SER B 197 0.34 -10.23 1.10
C SER B 197 -0.04 -9.11 2.05
N ASP B 198 -0.48 -9.46 3.25
CA ASP B 198 -0.77 -8.43 4.24
C ASP B 198 -0.15 -8.85 5.55
N ASP B 199 0.18 -7.85 6.37
CA ASP B 199 0.60 -8.09 7.73
C ASP B 199 -0.59 -8.31 8.66
N ASN B 200 -1.80 -8.17 8.13
CA ASN B 200 -3.07 -8.35 8.84
C ASN B 200 -3.90 -9.39 8.10
N ALA B 201 -3.90 -10.63 8.59
CA ALA B 201 -4.68 -11.69 7.95
C ALA B 201 -6.18 -11.40 7.96
N LYS B 202 -6.66 -10.56 8.87
CA LYS B 202 -8.09 -10.25 8.87
C LYS B 202 -8.47 -9.33 7.72
N ASN B 203 -7.48 -8.72 7.05
CA ASN B 203 -7.77 -7.90 5.87
C ASN B 203 -8.19 -8.72 4.66
N PHE B 204 -7.82 -10.00 4.59
CA PHE B 204 -8.10 -10.83 3.42
C PHE B 204 -8.67 -12.18 3.85
N ILE B 205 -9.02 -12.99 2.84
CA ILE B 205 -9.44 -14.37 3.02
C ILE B 205 -8.80 -15.19 1.92
N SER B 206 -7.80 -15.99 2.25
CA SER B 206 -7.19 -16.86 1.26
C SER B 206 -8.13 -18.01 0.93
N LEU B 207 -8.05 -18.49 -0.31
CA LEU B 207 -8.88 -19.63 -0.70
C LEU B 207 -8.55 -20.86 0.13
N LEU B 208 -7.30 -21.01 0.56
CA LEU B 208 -6.91 -22.16 1.34
C LEU B 208 -7.11 -21.96 2.85
N ASP B 209 -7.67 -20.81 3.27
CA ASP B 209 -8.06 -20.58 4.65
C ASP B 209 -8.93 -21.69 5.22
N GLU B 210 -8.93 -21.84 6.55
CA GLU B 210 -9.82 -22.82 7.17
C GLU B 210 -11.25 -22.33 7.03
N PRO B 211 -12.22 -23.19 6.66
CA PRO B 211 -13.57 -22.68 6.44
C PRO B 211 -14.15 -21.98 7.66
N ASN B 212 -13.83 -22.42 8.88
CA ASN B 212 -14.18 -21.62 10.06
C ASN B 212 -13.25 -20.42 10.27
N VAL B 213 -11.95 -20.57 9.98
CA VAL B 213 -11.02 -19.45 10.15
C VAL B 213 -11.48 -18.24 9.34
N ALA B 214 -11.86 -18.46 8.09
CA ALA B 214 -12.34 -17.37 7.25
C ALA B 214 -13.69 -16.86 7.73
N ALA B 215 -14.51 -17.76 8.29
CA ALA B 215 -15.85 -17.37 8.72
C ALA B 215 -15.78 -16.21 9.70
N LYS B 216 -14.79 -16.22 10.61
CA LYS B 216 -14.73 -15.16 11.61
C LYS B 216 -14.23 -13.85 11.02
N LYS B 217 -13.28 -13.93 10.07
CA LYS B 217 -12.77 -12.73 9.42
C LYS B 217 -13.91 -11.92 8.82
N ILE B 218 -14.97 -12.58 8.35
CA ILE B 218 -16.14 -11.91 7.78
C ILE B 218 -16.75 -10.95 8.81
N LYS B 219 -17.10 -11.46 9.99
CA LYS B 219 -17.71 -10.61 10.99
C LYS B 219 -16.72 -9.61 11.55
N SER B 220 -15.44 -9.97 11.61
CA SER B 220 -14.39 -9.07 12.08
C SER B 220 -14.18 -7.89 11.14
N ALA B 221 -14.92 -7.79 10.05
CA ALA B 221 -14.77 -6.67 9.12
C ALA B 221 -15.34 -5.39 9.73
N VAL B 222 -14.76 -4.27 9.28
CA VAL B 222 -15.15 -2.93 9.72
C VAL B 222 -16.47 -2.57 9.04
N THR B 223 -17.55 -2.39 9.82
CA THR B 223 -18.88 -2.21 9.22
C THR B 223 -19.64 -0.99 9.79
N ASP B 224 -18.89 0.00 10.26
CA ASP B 224 -19.53 1.19 10.87
C ASP B 224 -20.59 0.73 11.87
N ASP B 226 -23.37 0.89 13.31
CA ASP B 226 -24.25 0.02 12.49
C ASP B 226 -24.77 0.81 11.29
N GLY B 227 -25.99 0.52 10.86
CA GLY B 227 -26.53 1.19 9.69
C GLY B 227 -27.37 0.31 8.77
N ILE B 228 -27.24 0.57 7.48
CA ILE B 228 -28.04 -0.10 6.46
C ILE B 228 -27.15 -0.97 5.57
N ILE B 229 -27.80 -1.89 4.88
CA ILE B 229 -27.15 -2.81 3.94
C ILE B 229 -27.24 -2.32 2.50
N LYS B 230 -27.55 -1.03 2.29
CA LYS B 230 -27.55 -0.48 0.93
C LYS B 230 -26.12 -0.30 0.42
N PHE B 231 -25.96 -0.45 -0.91
CA PHE B 231 -24.65 -0.46 -1.57
C PHE B 231 -24.12 0.97 -1.70
N ASP B 232 -23.10 1.32 -0.90
CA ASP B 232 -22.59 2.70 -0.79
C ASP B 232 -21.08 2.65 -0.55
N ARG B 233 -20.29 2.73 -1.63
CA ARG B 233 -18.85 2.71 -1.48
C ARG B 233 -18.35 3.89 -0.64
N ASP B 234 -18.72 5.10 -1.04
CA ASP B 234 -18.54 6.23 -0.15
C ASP B 234 -19.64 6.18 0.90
N ASN B 235 -19.26 6.33 2.17
CA ASN B 235 -20.10 6.38 3.38
C ASN B 235 -20.55 5.02 3.90
N LYS B 236 -20.34 3.92 3.18
CA LYS B 236 -20.52 2.63 3.83
C LYS B 236 -19.68 1.55 3.16
N PRO B 237 -18.36 1.75 3.01
CA PRO B 237 -17.57 0.79 2.21
C PRO B 237 -17.49 -0.60 2.81
N GLY B 238 -17.32 -0.73 4.13
CA GLY B 238 -17.17 -2.05 4.73
C GLY B 238 -18.40 -2.92 4.52
N ILE B 239 -19.59 -2.37 4.76
CA ILE B 239 -20.80 -3.18 4.58
C ILE B 239 -21.08 -3.39 3.09
N THR B 240 -20.80 -2.37 2.27
CA THR B 240 -20.88 -2.53 0.82
C THR B 240 -19.97 -3.67 0.36
N ASN B 241 -18.73 -3.66 0.83
CA ASN B 241 -17.76 -4.66 0.43
C ASN B 241 -18.20 -6.06 0.82
N LEU B 242 -18.78 -6.21 2.03
CA LEU B 242 -19.30 -7.52 2.38
C LEU B 242 -20.43 -7.93 1.45
N ILE B 243 -21.19 -6.96 0.95
CA ILE B 243 -22.14 -7.25 -0.12
C ILE B 243 -21.43 -7.68 -1.38
N SER B 244 -20.37 -6.95 -1.77
CA SER B 244 -19.59 -7.35 -2.94
C SER B 244 -19.17 -8.80 -2.81
N ILE B 245 -18.68 -9.17 -1.63
CA ILE B 245 -18.33 -10.55 -1.35
C ILE B 245 -19.54 -11.45 -1.50
N TYR B 246 -20.69 -11.01 -0.98
CA TYR B 246 -21.93 -11.77 -1.17
C TYR B 246 -22.22 -11.94 -2.65
N ALA B 247 -21.92 -10.91 -3.46
CA ALA B 247 -22.23 -10.96 -4.88
C ALA B 247 -21.36 -11.94 -5.60
N GLY B 248 -20.04 -11.88 -5.37
CA GLY B 248 -19.12 -12.75 -6.09
C GLY B 248 -19.36 -14.21 -5.80
N LEU B 249 -19.71 -14.54 -4.55
CA LEU B 249 -19.82 -15.94 -4.20
C LEU B 249 -21.17 -16.52 -4.63
N THR B 250 -22.27 -15.76 -4.52
CA THR B 250 -23.61 -16.27 -4.79
C THR B 250 -24.18 -15.84 -6.12
N ASP B 251 -23.49 -14.96 -6.84
CA ASP B 251 -23.99 -14.44 -8.11
C ASP B 251 -25.40 -13.88 -7.94
N MET B 252 -25.61 -13.21 -6.85
CA MET B 252 -26.90 -12.56 -6.79
C MET B 252 -26.80 -11.13 -7.30
N PRO B 253 -27.89 -10.59 -7.84
CA PRO B 253 -27.90 -9.16 -8.14
C PRO B 253 -27.62 -8.41 -6.85
N ILE B 254 -26.88 -7.31 -6.97
CA ILE B 254 -26.59 -6.51 -5.79
C ILE B 254 -27.86 -5.97 -5.17
N LYS B 255 -28.71 -5.33 -5.99
CA LYS B 255 -29.96 -4.80 -5.45
C LYS B 255 -30.79 -5.92 -4.86
N ASP B 256 -30.91 -7.03 -5.60
CA ASP B 256 -31.69 -8.17 -5.11
C ASP B 256 -31.13 -8.70 -3.79
N ILE B 257 -29.84 -8.48 -3.52
CA ILE B 257 -29.29 -8.81 -2.20
C ILE B 257 -29.87 -7.87 -1.14
N GLU B 258 -29.80 -6.56 -1.38
CA GLU B 258 -30.33 -5.58 -0.43
C GLU B 258 -31.81 -5.81 -0.17
N ALA B 259 -32.55 -6.19 -1.21
CA ALA B 259 -33.97 -6.51 -1.06
C ALA B 259 -34.17 -7.62 -0.03
N LYS B 260 -33.46 -8.75 -0.19
CA LYS B 260 -33.66 -9.86 0.74
C LYS B 260 -33.40 -9.42 2.18
N TYR B 261 -32.52 -8.45 2.39
CA TYR B 261 -32.36 -7.84 3.70
C TYR B 261 -33.09 -6.49 3.77
N GLU B 262 -34.39 -6.52 3.49
CA GLU B 262 -35.30 -5.44 3.82
C GLU B 262 -36.24 -5.83 4.96
N GLY B 263 -35.82 -6.80 5.77
CA GLY B 263 -36.44 -7.12 7.04
C GLY B 263 -35.42 -7.52 8.11
N GLU B 264 -34.12 -7.46 7.76
CA GLU B 264 -33.05 -7.94 8.64
C GLU B 264 -31.91 -6.93 8.74
N GLY B 265 -31.14 -7.05 9.81
CA GLY B 265 -29.99 -6.20 10.11
C GLY B 265 -28.65 -6.87 9.82
N TYR B 266 -27.62 -6.47 10.56
CA TYR B 266 -26.26 -6.98 10.28
C TYR B 266 -26.10 -8.45 10.63
N GLY B 267 -26.60 -8.86 11.81
CA GLY B 267 -26.28 -10.18 12.32
C GLY B 267 -26.69 -11.30 11.39
N LYS B 268 -27.91 -11.25 10.87
CA LYS B 268 -28.36 -12.26 9.91
C LYS B 268 -27.54 -12.18 8.62
N PHE B 269 -27.20 -10.96 8.21
CA PHE B 269 -26.38 -10.78 7.01
C PHE B 269 -25.01 -11.42 7.16
N LYS B 270 -24.30 -11.09 8.23
CA LYS B 270 -22.92 -11.56 8.37
C LYS B 270 -22.85 -13.04 8.70
N GLY B 271 -23.74 -13.53 9.56
CA GLY B 271 -23.75 -14.95 9.87
C GLY B 271 -24.01 -15.80 8.64
N ASP B 272 -24.98 -15.37 7.81
CA ASP B 272 -25.22 -16.02 6.53
C ASP B 272 -24.04 -15.82 5.58
N LEU B 273 -23.30 -14.73 5.74
CA LEU B 273 -22.14 -14.48 4.89
C LEU B 273 -20.96 -15.34 5.29
N ALA B 274 -20.72 -15.51 6.60
CA ALA B 274 -19.71 -16.46 7.05
C ALA B 274 -20.10 -17.88 6.70
N GLU B 275 -21.41 -18.19 6.70
CA GLU B 275 -21.87 -19.54 6.31
C GLU B 275 -21.75 -19.77 4.81
N ILE B 276 -22.01 -18.75 4.00
CA ILE B 276 -21.74 -18.86 2.57
C ILE B 276 -20.24 -18.96 2.31
N VAL B 277 -19.46 -18.11 2.99
CA VAL B 277 -18.01 -18.20 2.88
C VAL B 277 -17.53 -19.57 3.34
N LYS B 278 -17.97 -19.99 4.51
CA LYS B 278 -17.57 -21.30 5.01
C LYS B 278 -17.93 -22.40 4.02
N ALA B 279 -19.14 -22.34 3.45
CA ALA B 279 -19.57 -23.36 2.50
C ALA B 279 -18.76 -23.31 1.21
N PHE B 280 -18.50 -22.11 0.69
CA PHE B 280 -17.80 -22.04 -0.59
C PHE B 280 -16.39 -22.60 -0.46
N LEU B 281 -15.75 -22.37 0.68
CA LEU B 281 -14.43 -22.92 0.91
C LEU B 281 -14.44 -24.43 0.82
N VAL B 282 -15.41 -25.08 1.48
CA VAL B 282 -15.42 -26.54 1.51
C VAL B 282 -15.69 -27.12 0.13
N GLU B 283 -16.73 -26.62 -0.55
CA GLU B 283 -16.97 -27.05 -1.93
C GLU B 283 -15.70 -26.90 -2.77
N PHE B 284 -14.95 -25.85 -2.51
CA PHE B 284 -13.72 -25.54 -3.23
C PHE B 284 -12.58 -26.47 -2.80
N GLN B 285 -12.26 -26.47 -1.51
CA GLN B 285 -11.19 -27.28 -0.95
C GLN B 285 -11.41 -28.77 -1.12
N GLU B 286 -12.65 -29.20 -1.34
CA GLU B 286 -12.89 -30.55 -1.82
C GLU B 286 -12.21 -30.77 -3.15
N LYS B 287 -12.63 -30.01 -4.17
CA LYS B 287 -12.00 -30.06 -5.48
C LYS B 287 -10.52 -29.76 -5.39
N TYR B 288 -10.13 -28.90 -4.45
CA TYR B 288 -8.72 -28.53 -4.32
C TYR B 288 -7.86 -29.71 -3.91
N GLU B 289 -8.36 -30.56 -3.00
CA GLU B 289 -7.61 -31.75 -2.62
C GLU B 289 -7.55 -32.76 -3.76
N SER B 290 -8.70 -33.07 -4.37
CA SER B 290 -8.68 -34.09 -5.41
C SER B 290 -7.70 -33.68 -6.51
N PHE B 291 -7.66 -32.38 -6.83
CA PHE B 291 -6.67 -31.89 -7.78
C PHE B 291 -5.27 -31.85 -7.17
N TYR B 292 -5.16 -31.52 -5.89
CA TYR B 292 -3.82 -31.42 -5.30
C TYR B 292 -3.12 -32.77 -5.28
N ASN B 293 -3.86 -33.83 -4.92
CA ASN B 293 -3.23 -35.09 -4.57
C ASN B 293 -3.35 -36.15 -5.67
N SER B 294 -3.99 -35.86 -6.79
CA SER B 294 -4.13 -36.88 -7.81
C SER B 294 -2.84 -37.08 -8.58
N ASP B 295 -2.53 -38.35 -8.89
CA ASP B 295 -1.58 -38.60 -9.95
C ASP B 295 -2.12 -38.11 -11.29
N LYS B 296 -3.40 -37.72 -11.34
CA LYS B 296 -3.89 -36.93 -12.46
C LYS B 296 -3.19 -35.58 -12.53
N LEU B 297 -3.00 -34.90 -11.38
CA LEU B 297 -2.50 -33.53 -11.35
C LEU B 297 -1.40 -33.23 -12.35
N ASP B 298 -0.31 -33.95 -12.28
CA ASP B 298 0.82 -33.61 -13.13
C ASP B 298 0.77 -34.26 -14.50
N ASP B 299 -0.18 -35.19 -14.74
CA ASP B 299 -0.59 -35.50 -16.12
C ASP B 299 -1.26 -34.29 -16.77
N ILE B 300 -2.08 -33.56 -15.99
CA ILE B 300 -2.66 -32.31 -16.45
C ILE B 300 -1.55 -31.30 -16.74
N LEU B 301 -0.50 -31.30 -15.90
CA LEU B 301 0.58 -30.37 -16.11
C LEU B 301 1.46 -30.80 -17.28
N ASP B 302 1.68 -32.10 -17.45
CA ASP B 302 2.34 -32.57 -18.67
C ASP B 302 1.57 -32.10 -19.91
N GLN B 303 0.24 -32.28 -19.91
CA GLN B 303 -0.54 -31.87 -21.07
C GLN B 303 -0.37 -30.39 -21.36
N GLY B 304 -0.46 -29.56 -20.31
CA GLY B 304 -0.21 -28.14 -20.47
C GLY B 304 1.20 -27.84 -20.96
N ARG B 305 2.20 -28.48 -20.36
CA ARG B 305 3.57 -28.23 -20.77
C ARG B 305 3.76 -28.58 -22.24
N ASP B 306 3.20 -29.72 -22.66
CA ASP B 306 3.26 -30.11 -24.05
C ASP B 306 2.52 -29.10 -24.92
N LYS B 307 1.26 -28.80 -24.56
CA LYS B 307 0.47 -27.82 -25.33
C LYS B 307 1.25 -26.53 -25.53
N ALA B 308 1.77 -25.99 -24.43
CA ALA B 308 2.55 -24.76 -24.47
C ALA B 308 3.75 -24.93 -25.36
N HIS B 309 4.44 -26.07 -25.25
CA HIS B 309 5.70 -26.23 -25.94
C HIS B 309 5.49 -26.18 -27.44
N LYS B 310 4.44 -26.84 -27.96
CA LYS B 310 4.27 -26.91 -29.41
C LYS B 310 4.12 -25.51 -30.00
N VAL B 311 3.37 -24.66 -29.31
CA VAL B 311 3.06 -23.33 -29.83
C VAL B 311 4.25 -22.38 -29.59
N SER B 312 4.86 -22.46 -28.40
CA SER B 312 6.00 -21.62 -28.14
C SER B 312 7.23 -22.04 -28.95
N PHE B 313 7.32 -23.34 -29.27
CA PHE B 313 8.41 -23.84 -30.12
C PHE B 313 8.38 -23.19 -31.49
N LYS B 314 7.21 -23.14 -32.13
CA LYS B 314 7.11 -22.49 -33.43
C LYS B 314 7.63 -21.06 -33.37
N THR B 315 7.37 -20.38 -32.26
CA THR B 315 7.77 -18.98 -32.11
C THR B 315 9.28 -18.86 -31.92
N VAL B 316 9.84 -19.62 -30.97
CA VAL B 316 11.27 -19.56 -30.71
C VAL B 316 12.05 -19.67 -32.01
N LYS B 317 11.73 -20.70 -32.80
CA LYS B 317 12.42 -20.95 -34.06
C LYS B 317 12.21 -19.81 -35.04
N LYS B 318 11.01 -19.24 -35.10
CA LYS B 318 10.86 -18.07 -35.95
C LYS B 318 11.87 -17.00 -35.58
N MET B 319 12.01 -16.74 -34.27
CA MET B 319 12.95 -15.73 -33.79
C MET B 319 14.38 -16.13 -34.12
N GLU B 320 14.75 -17.37 -33.80
CA GLU B 320 16.10 -17.84 -34.08
C GLU B 320 16.47 -17.60 -35.53
N LYS B 321 15.60 -18.03 -36.45
CA LYS B 321 15.89 -17.86 -37.88
C LYS B 321 16.07 -16.39 -38.21
N ALA B 322 15.25 -15.52 -37.60
CA ALA B 322 15.38 -14.07 -37.81
C ALA B 322 16.72 -13.54 -37.28
N MET B 323 17.17 -13.98 -36.11
CA MET B 323 18.39 -13.40 -35.56
C MET B 323 19.64 -14.05 -36.11
N GLY B 324 19.50 -15.17 -36.81
CA GLY B 324 20.64 -15.87 -37.36
C GLY B 324 21.27 -16.88 -36.42
N LEU B 325 20.53 -17.40 -35.44
CA LEU B 325 21.09 -18.42 -34.57
C LEU B 325 21.13 -19.79 -35.27
N GLY B 326 21.62 -20.80 -34.55
CA GLY B 326 21.46 -22.19 -34.94
C GLY B 326 21.89 -22.47 -36.36
N ARG B 327 21.13 -23.30 -37.07
CA ARG B 327 21.49 -23.59 -38.44
C ARG B 327 20.26 -23.69 -39.33
N LYS B 328 20.36 -23.06 -40.51
CA LYS B 328 19.42 -23.33 -41.59
C LYS B 328 19.18 -24.82 -41.67
N ARG B 329 17.93 -25.22 -41.68
CA ARG B 329 17.68 -26.64 -41.83
C ARG B 329 16.49 -26.91 -42.76
N MET C 1 1.18 -8.74 47.45
CA MET C 1 1.61 -7.93 46.32
C MET C 1 2.47 -8.68 45.30
N GLU C 2 2.59 -8.10 44.11
CA GLU C 2 3.27 -8.71 42.98
C GLU C 2 4.50 -7.91 42.63
N THR C 3 5.36 -8.48 41.80
CA THR C 3 6.68 -7.96 41.53
C THR C 3 6.78 -7.62 40.04
N LEU C 4 7.14 -6.38 39.74
CA LEU C 4 7.29 -5.93 38.36
C LEU C 4 8.75 -5.58 38.11
N PHE C 5 9.32 -6.12 37.02
CA PHE C 5 10.71 -5.85 36.66
C PHE C 5 10.77 -5.24 35.26
N SER C 6 11.27 -4.01 35.16
CA SER C 6 11.42 -3.32 33.89
C SER C 6 12.91 -3.16 33.59
N GLY C 7 13.41 -3.87 32.60
CA GLY C 7 14.78 -3.66 32.14
C GLY C 7 14.86 -2.46 31.21
N ILE C 8 15.81 -1.57 31.45
CA ILE C 8 15.85 -0.25 30.84
C ILE C 8 17.12 -0.11 30.02
N GLN C 9 16.99 0.00 28.71
CA GLN C 9 18.19 0.18 27.90
C GLN C 9 18.74 1.58 28.16
N PRO C 10 20.02 1.71 28.55
CA PRO C 10 20.58 3.05 28.79
C PRO C 10 20.58 3.91 27.55
N SER C 11 20.47 3.29 26.39
CA SER C 11 20.46 4.00 25.13
C SER C 11 19.09 4.56 24.74
N GLY C 12 18.01 4.14 25.39
CA GLY C 12 16.70 4.59 24.94
C GLY C 12 16.13 5.73 25.75
N ILE C 13 16.09 6.93 25.17
CA ILE C 13 15.35 8.05 25.77
C ILE C 13 13.86 7.76 25.57
N PRO C 14 13.07 7.68 26.61
CA PRO C 14 11.63 7.49 26.40
C PRO C 14 11.04 8.65 25.61
N THR C 15 10.00 8.32 24.85
CA THR C 15 9.15 9.29 24.18
C THR C 15 8.00 9.69 25.06
N ILE C 16 7.38 10.80 24.68
CA ILE C 16 6.17 11.25 25.34
C ILE C 16 5.11 10.17 25.21
N GLY C 17 5.22 9.34 24.17
CA GLY C 17 4.42 8.14 24.08
C GLY C 17 4.73 7.15 25.19
N ASN C 18 6.01 6.88 25.45
CA ASN C 18 6.37 5.97 26.53
C ASN C 18 5.91 6.51 27.87
N TYR C 19 5.98 7.83 28.05
CA TYR C 19 5.51 8.45 29.27
C TYR C 19 4.04 8.16 29.48
N ILE C 20 3.23 8.33 28.43
CA ILE C 20 1.78 8.16 28.54
C ILE C 20 1.42 6.69 28.74
N GLY C 21 2.06 5.81 27.98
CA GLY C 21 1.77 4.41 28.09
C GLY C 21 2.22 3.84 29.41
N ALA C 22 3.52 3.86 29.67
CA ALA C 22 4.09 3.13 30.79
C ALA C 22 4.57 4.02 31.93
N LEU C 23 5.36 5.05 31.67
CA LEU C 23 5.95 5.81 32.77
C LEU C 23 4.87 6.35 33.69
N LYS C 24 3.92 7.11 33.13
CA LYS C 24 2.99 7.84 34.00
C LYS C 24 2.18 6.88 34.86
N GLN C 25 1.93 5.67 34.34
CA GLN C 25 1.18 4.68 35.08
C GLN C 25 2.03 3.82 35.99
N PHE C 26 3.35 3.82 35.77
CA PHE C 26 4.25 3.37 36.82
C PHE C 26 4.12 4.23 38.08
N VAL C 27 3.93 5.54 37.92
CA VAL C 27 3.79 6.42 39.07
C VAL C 27 2.67 5.95 39.99
N ASP C 28 1.57 5.43 39.41
CA ASP C 28 0.51 4.87 40.25
C ASP C 28 0.85 3.47 40.72
N VAL C 29 1.19 2.57 39.78
CA VAL C 29 1.34 1.16 40.15
C VAL C 29 2.50 0.92 41.10
N GLN C 30 3.47 1.85 41.21
CA GLN C 30 4.60 1.61 42.11
C GLN C 30 4.12 1.55 43.55
N ASN C 31 2.94 2.13 43.80
CA ASN C 31 2.27 2.00 45.08
C ASN C 31 1.66 0.63 45.27
N ASP C 32 1.29 -0.06 44.17
CA ASP C 32 0.57 -1.32 44.23
C ASP C 32 1.38 -2.54 43.82
N TYR C 33 2.64 -2.38 43.43
CA TYR C 33 3.51 -3.51 43.11
C TYR C 33 4.90 -3.21 43.64
N ASP C 34 5.65 -4.27 43.94
CA ASP C 34 7.08 -4.11 44.22
C ASP C 34 7.80 -4.08 42.89
N CYS C 35 8.26 -2.91 42.51
CA CYS C 35 8.71 -2.61 41.17
C CYS C 35 10.22 -2.48 41.20
N TYR C 36 10.89 -3.25 40.33
CA TYR C 36 12.32 -3.15 40.13
C TYR C 36 12.52 -2.54 38.75
N PHE C 37 13.08 -1.35 38.72
CA PHE C 37 13.52 -0.68 37.50
C PHE C 37 15.04 -0.77 37.46
N CYS C 38 15.55 -1.65 36.59
CA CYS C 38 16.97 -1.90 36.45
C CYS C 38 17.49 -1.22 35.19
N ILE C 39 18.52 -0.39 35.32
CA ILE C 39 19.17 0.17 34.13
C ILE C 39 20.22 -0.84 33.67
N VAL C 40 19.96 -1.48 32.54
CA VAL C 40 20.70 -2.69 32.17
C VAL C 40 21.90 -2.27 31.34
N ASP C 41 22.95 -1.83 32.04
CA ASP C 41 24.18 -1.45 31.36
C ASP C 41 24.99 -2.66 30.92
N GLN C 42 24.99 -3.75 31.71
CA GLN C 42 25.70 -4.95 31.28
C GLN C 42 25.12 -5.50 29.97
N HIS C 43 23.84 -5.20 29.68
CA HIS C 43 23.31 -5.52 28.36
C HIS C 43 23.78 -4.53 27.30
N ALA C 44 23.96 -3.26 27.69
CA ALA C 44 24.30 -2.21 26.72
C ALA C 44 25.56 -2.53 25.92
N ILE C 45 26.49 -3.30 26.50
CA ILE C 45 27.81 -3.51 25.90
C ILE C 45 27.88 -4.81 25.09
N THR C 46 26.75 -5.43 24.76
CA THR C 46 26.75 -6.44 23.72
C THR C 46 27.02 -5.84 22.35
N MET C 47 27.01 -4.52 22.26
CA MET C 47 27.51 -3.64 21.21
C MET C 47 28.67 -2.83 21.76
N PRO C 48 29.71 -2.56 20.97
CA PRO C 48 30.81 -1.71 21.46
C PRO C 48 30.33 -0.31 21.83
N GLN C 49 30.41 0.02 23.11
CA GLN C 49 29.89 1.27 23.64
C GLN C 49 31.05 2.18 23.98
N ASP C 50 30.98 3.44 23.53
CA ASP C 50 31.88 4.46 24.03
C ASP C 50 31.65 4.69 25.51
N ARG C 51 32.72 4.67 26.31
CA ARG C 51 32.55 4.60 27.76
C ARG C 51 31.87 5.85 28.31
N LEU C 52 32.30 7.04 27.89
CA LEU C 52 31.65 8.24 28.43
C LEU C 52 30.20 8.33 27.99
N LYS C 53 29.92 8.04 26.72
CA LYS C 53 28.54 8.01 26.23
C LYS C 53 27.69 7.07 27.08
N LEU C 54 28.19 5.86 27.34
CA LEU C 54 27.41 4.89 28.11
C LEU C 54 27.25 5.31 29.58
N ARG C 55 28.29 5.90 30.18
CA ARG C 55 28.11 6.38 31.55
C ARG C 55 27.15 7.57 31.62
N LYS C 56 27.22 8.47 30.63
CA LYS C 56 26.25 9.56 30.56
C LYS C 56 24.82 9.03 30.46
N GLN C 57 24.60 8.07 29.58
CA GLN C 57 23.25 7.62 29.32
C GLN C 57 22.62 7.08 30.58
N THR C 58 23.39 6.34 31.37
CA THR C 58 22.82 5.71 32.55
C THR C 58 22.35 6.75 33.57
N ARG C 59 23.02 7.90 33.68
CA ARG C 59 22.47 8.99 34.47
C ARG C 59 21.20 9.55 33.83
N GLN C 60 21.21 9.77 32.52
CA GLN C 60 20.04 10.27 31.82
C GLN C 60 18.85 9.41 32.12
N LEU C 61 18.99 8.11 31.91
CA LEU C 61 17.87 7.23 32.20
C LEU C 61 17.54 7.26 33.68
N ALA C 62 18.58 7.29 34.53
CA ALA C 62 18.34 7.41 35.96
C ALA C 62 17.47 8.63 36.23
N ALA C 63 17.84 9.78 35.65
CA ALA C 63 17.16 11.03 35.97
C ALA C 63 15.80 11.09 35.31
N ILE C 64 15.73 10.64 34.06
CA ILE C 64 14.46 10.62 33.33
C ILE C 64 13.42 9.81 34.11
N TYR C 65 13.78 8.61 34.56
CA TYR C 65 12.82 7.78 35.30
C TYR C 65 12.45 8.40 36.64
N LEU C 66 13.37 9.10 37.30
CA LEU C 66 13.00 9.78 38.53
C LEU C 66 12.15 11.01 38.25
N ALA C 67 12.55 11.83 37.27
CA ALA C 67 11.78 13.02 36.90
C ALA C 67 10.36 12.67 36.42
N SER C 68 10.16 11.47 35.88
CA SER C 68 8.83 11.06 35.52
C SER C 68 7.99 10.68 36.73
N GLY C 69 8.62 10.38 37.84
CA GLY C 69 7.86 10.11 39.05
C GLY C 69 8.04 8.73 39.65
N ILE C 70 9.07 7.98 39.25
CA ILE C 70 9.36 6.78 40.03
C ILE C 70 9.91 7.22 41.38
N ASP C 71 9.64 6.43 42.42
CA ASP C 71 9.98 6.79 43.80
C ASP C 71 11.06 5.90 44.37
N PRO C 72 12.24 6.45 44.72
CA PRO C 72 13.33 5.60 45.23
C PRO C 72 12.99 4.88 46.50
N ASP C 73 11.96 5.32 47.22
CA ASP C 73 11.51 4.60 48.39
C ASP C 73 10.45 3.57 48.03
N LYS C 74 9.50 3.92 47.14
CA LYS C 74 8.46 2.96 46.76
C LYS C 74 8.97 1.84 45.87
N ALA C 75 9.95 2.13 45.02
CA ALA C 75 10.45 1.19 44.02
C ALA C 75 11.93 0.90 44.27
N THR C 76 12.49 0.02 43.44
CA THR C 76 13.94 -0.21 43.39
C THR C 76 14.42 0.21 42.00
N LEU C 77 15.01 1.40 41.92
CA LEU C 77 15.70 1.86 40.72
C LEU C 77 17.19 1.65 40.95
N PHE C 78 17.79 0.75 40.15
CA PHE C 78 19.18 0.37 40.36
C PHE C 78 19.86 0.12 39.03
N ILE C 79 21.19 0.13 39.06
CA ILE C 79 21.98 -0.13 37.87
C ILE C 79 22.46 -1.57 37.89
N GLN C 80 22.41 -2.21 36.74
CA GLN C 80 22.54 -3.65 36.69
C GLN C 80 23.93 -4.07 37.14
N SER C 81 24.97 -3.50 36.52
CA SER C 81 26.33 -3.95 36.73
C SER C 81 26.74 -3.76 38.17
N GLU C 82 26.03 -2.91 38.91
CA GLU C 82 26.29 -2.69 40.32
C GLU C 82 25.70 -3.78 41.20
N VAL C 83 24.97 -4.73 40.63
CA VAL C 83 24.54 -5.88 41.43
C VAL C 83 25.16 -7.12 40.81
N PRO C 84 26.13 -7.74 41.49
CA PRO C 84 26.84 -8.88 40.90
C PRO C 84 25.92 -10.01 40.59
N ALA C 85 24.79 -10.09 41.29
CA ALA C 85 23.88 -11.21 41.13
C ALA C 85 23.43 -11.39 39.70
N HIS C 86 23.41 -10.32 38.91
CA HIS C 86 22.87 -10.45 37.56
C HIS C 86 23.73 -11.37 36.69
N VAL C 87 25.04 -11.12 36.65
CA VAL C 87 25.91 -11.93 35.80
C VAL C 87 26.17 -13.30 36.42
N GLN C 88 26.18 -13.40 37.75
CA GLN C 88 26.16 -14.71 38.39
C GLN C 88 25.01 -15.57 37.87
N ALA C 89 23.77 -15.12 38.08
CA ALA C 89 22.63 -15.89 37.62
C ALA C 89 22.65 -16.10 36.12
N GLY C 90 22.98 -15.05 35.35
CA GLY C 90 23.15 -15.22 33.92
C GLY C 90 24.07 -16.38 33.59
N TRP C 91 25.23 -16.49 34.26
CA TRP C 91 26.12 -17.60 33.98
C TRP C 91 25.41 -18.93 34.26
N MET C 92 24.95 -19.13 35.50
CA MET C 92 24.28 -20.37 35.85
C MET C 92 23.19 -20.71 34.84
N LEU C 93 22.35 -19.72 34.50
CA LEU C 93 21.29 -19.97 33.54
C LEU C 93 21.85 -20.31 32.18
N THR C 94 23.03 -19.77 31.84
CA THR C 94 23.63 -20.09 30.55
C THR C 94 24.00 -21.57 30.51
N THR C 95 24.35 -22.16 31.66
CA THR C 95 24.82 -23.54 31.66
C THR C 95 23.72 -24.50 31.26
N ILE C 96 22.45 -24.07 31.40
CA ILE C 96 21.29 -24.91 31.11
C ILE C 96 20.52 -24.41 29.91
N ALA C 97 20.98 -23.37 29.23
CA ALA C 97 20.42 -23.04 27.93
C ALA C 97 21.18 -23.79 26.85
N SER C 98 20.49 -24.06 25.74
CA SER C 98 21.10 -24.74 24.61
C SER C 98 21.52 -23.71 23.56
N VAL C 99 22.58 -24.05 22.82
CA VAL C 99 23.08 -23.17 21.76
C VAL C 99 21.98 -22.88 20.73
N GLY C 100 21.14 -23.88 20.44
CA GLY C 100 20.04 -23.65 19.53
C GLY C 100 19.06 -22.60 20.02
N GLU C 101 18.72 -22.63 21.31
CA GLU C 101 17.80 -21.64 21.86
C GLU C 101 18.29 -20.22 21.64
N LEU C 102 19.60 -20.02 21.78
CA LEU C 102 20.15 -18.67 21.66
C LEU C 102 20.25 -18.25 20.19
N GLU C 103 20.60 -19.19 19.31
CA GLU C 103 20.78 -18.92 17.88
C GLU C 103 19.50 -18.54 17.16
N ARG C 104 18.36 -18.97 17.70
CA ARG C 104 17.06 -18.67 17.11
C ARG C 104 16.52 -17.33 17.58
N MET C 105 17.25 -16.65 18.44
CA MET C 105 16.85 -15.39 18.98
C MET C 105 17.15 -14.31 17.96
N GLU C 117 36.19 -7.38 11.54
CA GLU C 117 35.68 -7.92 12.80
C GLU C 117 34.42 -8.80 12.56
N GLY C 118 34.04 -9.58 13.58
CA GLY C 118 32.95 -10.52 13.46
C GLY C 118 31.73 -10.15 14.28
N ILE C 119 31.01 -11.12 14.81
CA ILE C 119 29.79 -10.87 15.58
C ILE C 119 30.15 -10.85 17.06
N PRO C 120 29.93 -9.74 17.77
CA PRO C 120 30.16 -9.75 19.21
C PRO C 120 29.35 -10.85 19.87
N ALA C 121 30.04 -11.75 20.57
CA ALA C 121 29.37 -12.87 21.21
C ALA C 121 28.23 -12.44 22.13
N GLY C 122 28.24 -11.19 22.62
CA GLY C 122 27.17 -10.74 23.49
C GLY C 122 25.82 -10.73 22.79
N LEU C 123 25.82 -10.39 21.49
CA LEU C 123 24.62 -10.41 20.68
C LEU C 123 23.95 -11.77 20.68
N LEU C 124 24.70 -12.82 20.95
CA LEU C 124 24.14 -14.16 21.04
C LEU C 124 23.81 -14.57 22.47
N THR C 125 24.64 -14.17 23.42
CA THR C 125 24.60 -14.73 24.76
C THR C 125 23.76 -13.93 25.76
N TYR C 126 23.29 -12.73 25.42
CA TYR C 126 22.46 -11.98 26.37
C TYR C 126 21.25 -12.75 26.89
N PRO C 127 20.52 -13.54 26.10
CA PRO C 127 19.22 -14.05 26.56
C PRO C 127 19.27 -14.65 27.96
N PRO C 128 20.19 -15.58 28.27
CA PRO C 128 20.14 -16.15 29.63
C PRO C 128 20.34 -15.11 30.71
N LEU C 129 21.11 -14.07 30.39
CA LEU C 129 21.31 -13.02 31.36
C LEU C 129 20.04 -12.21 31.53
N MET C 130 19.37 -11.86 30.42
CA MET C 130 18.07 -11.15 30.53
C MET C 130 17.20 -11.99 31.45
N ALA C 131 16.98 -13.23 31.07
CA ALA C 131 16.31 -14.18 31.96
C ALA C 131 16.67 -13.89 33.41
N ALA C 132 17.96 -13.93 33.71
CA ALA C 132 18.44 -13.75 35.06
C ALA C 132 18.05 -12.40 35.64
N ASP C 133 18.01 -11.35 34.80
CA ASP C 133 17.54 -10.06 35.27
C ASP C 133 16.17 -10.22 35.89
N ILE C 134 15.27 -10.85 35.13
CA ILE C 134 13.88 -11.00 35.52
C ILE C 134 13.74 -11.92 36.73
N VAL C 135 14.42 -13.06 36.72
CA VAL C 135 14.14 -14.06 37.75
C VAL C 135 14.70 -13.68 39.10
N LEU C 136 15.69 -12.78 39.15
CA LEU C 136 16.42 -12.54 40.40
C LEU C 136 15.51 -12.03 41.50
N TYR C 137 14.51 -11.25 41.15
CA TYR C 137 13.64 -10.59 42.09
C TYR C 137 12.28 -11.27 42.20
N ASN C 138 12.17 -12.50 41.69
CA ASN C 138 10.92 -13.24 41.66
C ASN C 138 9.85 -12.45 40.91
N THR C 139 10.25 -11.86 39.80
CA THR C 139 9.33 -11.03 39.05
C THR C 139 8.14 -11.84 38.57
N ASN C 140 6.94 -11.30 38.82
CA ASN C 140 5.71 -11.91 38.36
C ASN C 140 5.36 -11.44 36.95
N ILE C 141 5.36 -10.13 36.74
CA ILE C 141 4.94 -9.54 35.47
C ILE C 141 6.08 -8.68 34.94
N VAL C 142 6.38 -8.87 33.65
CA VAL C 142 7.38 -8.06 32.95
C VAL C 142 6.64 -7.19 31.94
N PRO C 143 6.49 -5.89 32.21
CA PRO C 143 5.86 -4.99 31.25
C PRO C 143 6.67 -4.66 30.02
N VAL C 144 6.73 -5.57 29.05
CA VAL C 144 7.39 -5.30 27.78
C VAL C 144 6.37 -5.35 26.65
N GLY C 145 6.75 -4.73 25.54
CA GLY C 145 5.96 -4.83 24.33
C GLY C 145 5.97 -6.27 23.79
N ASP C 146 5.40 -6.40 22.59
CA ASP C 146 5.31 -7.69 21.92
C ASP C 146 6.64 -8.12 21.31
N ASP C 147 7.46 -7.16 20.88
CA ASP C 147 8.80 -7.48 20.37
C ASP C 147 9.62 -8.32 21.36
N GLN C 148 9.19 -8.37 22.62
CA GLN C 148 9.90 -9.08 23.67
C GLN C 148 9.24 -10.43 24.03
N LYS C 149 8.36 -10.94 23.17
CA LYS C 149 7.62 -12.16 23.51
C LYS C 149 8.54 -13.37 23.67
N GLN C 150 9.22 -13.79 22.59
CA GLN C 150 10.05 -15.00 22.72
C GLN C 150 11.10 -14.82 23.79
N HIS C 151 11.44 -13.57 24.08
CA HIS C 151 12.39 -13.22 25.11
C HIS C 151 11.91 -13.67 26.49
N ILE C 152 10.61 -13.50 26.78
CA ILE C 152 10.08 -13.99 28.05
C ILE C 152 9.82 -15.47 27.95
N GLU C 153 9.61 -15.98 26.74
CA GLU C 153 9.34 -17.40 26.61
C GLU C 153 10.58 -18.20 27.00
N LEU C 154 11.75 -17.78 26.52
CA LEU C 154 12.99 -18.37 27.00
C LEU C 154 13.07 -18.30 28.52
N THR C 155 12.83 -17.12 29.11
CA THR C 155 12.91 -17.00 30.57
C THR C 155 12.02 -18.04 31.23
N ARG C 156 10.74 -18.08 30.85
CA ARG C 156 9.80 -19.04 31.41
C ARG C 156 10.29 -20.46 31.22
N ASN C 157 10.89 -20.76 30.06
CA ASN C 157 11.42 -22.09 29.83
C ASN C 157 12.56 -22.39 30.78
N LEU C 158 13.54 -21.48 30.83
CA LEU C 158 14.71 -21.71 31.67
C LEU C 158 14.30 -21.80 33.13
N VAL C 159 13.18 -21.16 33.51
CA VAL C 159 12.73 -21.26 34.89
C VAL C 159 12.22 -22.66 35.17
N ASP C 160 11.48 -23.24 34.21
CA ASP C 160 11.04 -24.62 34.34
C ASP C 160 12.22 -25.57 34.34
N ARG C 161 13.14 -25.39 33.38
CA ARG C 161 14.28 -26.31 33.29
C ARG C 161 15.11 -26.30 34.58
N PHE C 162 15.23 -25.13 35.21
CA PHE C 162 15.96 -25.03 36.48
C PHE C 162 15.27 -25.80 37.58
N ASN C 163 14.01 -25.45 37.87
CA ASN C 163 13.30 -26.08 38.97
C ASN C 163 13.21 -27.60 38.77
N SER C 164 13.13 -28.07 37.52
CA SER C 164 13.08 -29.51 37.26
C SER C 164 14.37 -30.20 37.71
N ARG C 165 15.51 -29.67 37.25
CA ARG C 165 16.81 -30.34 37.36
C ARG C 165 17.49 -30.13 38.71
N TYR C 166 16.91 -29.32 39.59
CA TYR C 166 17.42 -29.03 40.92
C TYR C 166 16.24 -28.77 41.84
N ASN C 167 16.51 -28.09 42.93
CA ASN C 167 15.44 -27.64 43.81
C ASN C 167 14.57 -26.57 43.11
N ASP C 168 13.30 -26.51 43.51
CA ASP C 168 12.29 -25.64 42.86
C ASP C 168 12.38 -24.24 43.49
N VAL C 169 13.03 -23.31 42.80
CA VAL C 169 13.37 -22.04 43.43
C VAL C 169 12.88 -20.81 42.66
N LEU C 170 13.06 -20.78 41.35
CA LEU C 170 12.71 -19.59 40.59
C LEU C 170 11.22 -19.51 40.31
N VAL C 171 10.80 -18.33 39.87
CA VAL C 171 9.40 -18.00 39.72
C VAL C 171 9.18 -17.53 38.28
N LYS C 172 8.29 -18.22 37.56
CA LYS C 172 8.07 -17.94 36.16
C LYS C 172 7.43 -16.57 36.00
N PRO C 173 7.87 -15.79 35.05
CA PRO C 173 7.26 -14.49 34.81
C PRO C 173 6.18 -14.54 33.74
N GLU C 174 5.57 -13.39 33.48
CA GLU C 174 4.49 -13.27 32.53
C GLU C 174 4.58 -11.89 31.93
N ILE C 175 4.26 -11.76 30.66
CA ILE C 175 4.09 -10.41 30.10
C ILE C 175 2.73 -9.89 30.52
N ARG C 176 2.71 -8.70 31.13
CA ARG C 176 1.52 -8.00 31.59
C ARG C 176 1.94 -6.64 32.10
N MET C 177 1.15 -5.59 31.74
CA MET C 177 1.33 -4.23 32.27
C MET C 177 0.15 -3.85 33.14
N PRO C 178 0.39 -3.40 34.40
CA PRO C 178 -0.70 -3.25 35.37
C PRO C 178 -1.81 -2.25 35.02
N LYS C 179 -1.46 -0.98 34.91
CA LYS C 179 -2.40 0.07 34.52
C LYS C 179 -1.94 0.45 33.11
N VAL C 180 -2.40 -0.31 32.11
CA VAL C 180 -1.95 -0.05 30.74
C VAL C 180 -2.41 1.33 30.30
N GLY C 181 -1.45 2.18 29.97
CA GLY C 181 -1.71 3.57 29.64
C GLY C 181 -2.33 3.73 28.27
N GLY C 182 -2.34 4.97 27.81
CA GLY C 182 -2.96 5.28 26.53
C GLY C 182 -2.01 5.08 25.36
N ARG C 183 -2.56 4.54 24.28
CA ARG C 183 -1.79 4.21 23.08
C ARG C 183 -1.47 5.46 22.28
N VAL C 184 -0.17 5.74 22.11
CA VAL C 184 0.29 6.93 21.40
C VAL C 184 0.94 6.49 20.10
N MET C 185 0.47 7.07 19.01
CA MET C 185 0.89 6.67 17.68
C MET C 185 1.91 7.65 17.13
N SER C 186 2.64 7.20 16.13
CA SER C 186 3.63 8.06 15.47
C SER C 186 2.94 9.28 14.87
N LEU C 187 3.59 10.43 14.98
CA LEU C 187 2.93 11.67 14.60
C LEU C 187 2.84 11.87 13.10
N GLN C 188 3.52 11.09 12.30
CA GLN C 188 3.37 11.28 10.86
C GLN C 188 3.06 9.93 10.19
N ASP C 189 2.56 8.99 10.99
CA ASP C 189 2.12 7.68 10.60
C ASP C 189 1.25 7.16 11.74
N PRO C 190 -0.01 7.62 11.86
CA PRO C 190 -0.81 7.30 13.06
C PRO C 190 -1.16 5.85 13.19
N THR C 191 -0.87 5.05 12.17
CA THR C 191 -1.15 3.64 12.26
C THR C 191 -0.08 2.85 13.01
N ARG C 192 1.12 3.40 13.19
CA ARG C 192 2.18 2.70 13.91
C ARG C 192 2.44 3.36 15.27
N LYS C 193 2.68 2.53 16.30
CA LYS C 193 3.00 3.09 17.59
C LYS C 193 4.22 4.00 17.50
N MET C 194 4.20 5.06 18.29
CA MET C 194 5.37 5.90 18.44
C MET C 194 6.49 5.10 19.08
N SER C 195 7.71 5.27 18.54
CA SER C 195 8.91 4.55 18.99
C SER C 195 10.12 5.47 18.99
N LYS C 196 10.88 5.42 20.10
CA LYS C 196 12.03 6.32 20.31
C LYS C 196 13.11 6.23 19.23
N SER C 197 13.15 5.13 18.50
CA SER C 197 14.16 4.85 17.50
C SER C 197 13.74 5.13 16.06
N ASP C 198 12.62 5.83 15.85
CA ASP C 198 12.13 6.08 14.49
C ASP C 198 13.14 6.86 13.65
N ASP C 199 13.39 6.38 12.43
CA ASP C 199 14.28 7.08 11.50
C ASP C 199 13.75 8.46 11.14
N ASN C 200 12.43 8.65 11.22
CA ASN C 200 11.77 9.94 11.06
C ASN C 200 11.47 10.46 12.47
N ALA C 201 12.16 11.52 12.87
CA ALA C 201 12.01 12.00 14.24
C ALA C 201 10.76 12.85 14.43
N LYS C 202 10.15 13.31 13.35
CA LYS C 202 8.86 13.98 13.48
C LYS C 202 7.77 13.04 14.00
N ASN C 203 8.02 11.74 14.01
CA ASN C 203 7.06 10.76 14.50
C ASN C 203 6.99 10.73 16.02
N PHE C 204 8.07 11.05 16.71
CA PHE C 204 8.08 10.96 18.16
C PHE C 204 8.40 12.31 18.77
N ILE C 205 7.86 12.51 19.97
CA ILE C 205 8.28 13.58 20.86
C ILE C 205 9.00 12.90 22.02
N SER C 206 10.27 13.23 22.20
CA SER C 206 11.11 12.54 23.16
C SER C 206 11.34 13.41 24.36
N LEU C 207 11.33 12.81 25.55
CA LEU C 207 11.33 13.56 26.79
C LEU C 207 12.47 14.60 26.86
N LEU C 208 13.56 14.44 26.09
CA LEU C 208 14.67 15.39 26.10
C LEU C 208 14.69 16.30 24.87
N ASP C 209 13.59 16.36 24.14
CA ASP C 209 13.47 17.22 22.98
C ASP C 209 13.48 18.69 23.40
N GLU C 210 14.14 19.52 22.61
CA GLU C 210 13.98 20.96 22.82
C GLU C 210 12.49 21.28 22.77
N PRO C 211 11.94 21.92 23.81
CA PRO C 211 10.47 22.01 23.89
C PRO C 211 9.85 22.64 22.65
N ASN C 212 10.48 23.69 22.11
CA ASN C 212 9.98 24.33 20.90
C ASN C 212 9.98 23.38 19.72
N VAL C 213 10.95 22.46 19.67
CA VAL C 213 10.93 21.40 18.66
C VAL C 213 9.70 20.52 18.83
N ALA C 214 9.43 20.09 20.06
CA ALA C 214 8.28 19.21 20.26
C ALA C 214 6.97 19.87 19.86
N ALA C 215 6.83 21.17 20.14
CA ALA C 215 5.65 21.88 19.67
C ALA C 215 5.60 21.91 18.14
N LYS C 216 6.75 22.04 17.48
CA LYS C 216 6.77 21.97 16.02
C LYS C 216 6.38 20.58 15.51
N LYS C 217 6.61 19.54 16.32
CA LYS C 217 6.26 18.19 15.91
C LYS C 217 4.76 17.93 16.01
N ILE C 218 4.08 18.58 16.96
CA ILE C 218 2.62 18.56 17.01
C ILE C 218 2.04 19.32 15.83
N LYS C 219 2.47 20.56 15.66
CA LYS C 219 2.06 21.41 14.55
C LYS C 219 2.46 20.83 13.19
N SER C 220 3.20 19.71 13.16
CA SER C 220 3.49 19.00 11.91
C SER C 220 2.76 17.67 11.79
N ALA C 221 2.24 17.13 12.89
CA ALA C 221 1.63 15.81 12.87
C ALA C 221 0.61 15.74 11.75
N VAL C 222 0.55 14.61 11.06
CA VAL C 222 -0.20 14.56 9.81
C VAL C 222 -1.67 14.30 10.11
N THR C 223 -2.51 15.23 9.67
CA THR C 223 -3.93 15.30 9.97
C THR C 223 -4.64 15.86 8.75
N ASP C 224 -5.96 15.64 8.67
CA ASP C 224 -6.70 16.40 7.68
C ASP C 224 -6.42 17.89 7.80
N SER C 225 -6.63 18.63 6.71
CA SER C 225 -6.34 20.05 6.75
C SER C 225 -7.14 20.76 7.84
N ASP C 226 -8.35 20.29 8.13
CA ASP C 226 -9.14 20.86 9.22
C ASP C 226 -10.18 19.84 9.63
N GLY C 227 -10.85 20.11 10.74
CA GLY C 227 -11.84 19.15 11.18
C GLY C 227 -12.47 19.50 12.52
N ILE C 228 -13.42 18.67 12.88
CA ILE C 228 -13.98 18.62 14.23
C ILE C 228 -13.05 17.82 15.13
N ILE C 229 -12.83 18.37 16.33
CA ILE C 229 -12.03 17.66 17.30
C ILE C 229 -12.97 16.67 17.96
N LYS C 230 -13.21 15.55 17.32
CA LYS C 230 -13.88 14.47 18.00
C LYS C 230 -13.10 13.20 17.70
N PHE C 231 -12.91 12.41 18.75
CA PHE C 231 -12.12 11.20 18.80
C PHE C 231 -12.68 10.12 17.88
N ASP C 232 -12.06 9.94 16.72
CA ASP C 232 -12.57 9.00 15.72
C ASP C 232 -11.37 8.18 15.22
N ARG C 233 -11.06 7.10 15.95
CA ARG C 233 -9.76 6.44 15.75
C ARG C 233 -9.60 5.89 14.34
N ASP C 234 -10.72 5.45 13.72
CA ASP C 234 -10.69 4.70 12.46
C ASP C 234 -10.79 5.59 11.23
N ASN C 235 -11.79 6.48 11.18
CA ASN C 235 -11.88 7.36 10.03
C ASN C 235 -10.80 8.44 10.05
N LYS C 236 -10.46 8.95 11.23
CA LYS C 236 -9.51 10.05 11.38
C LYS C 236 -8.46 9.67 12.41
N PRO C 237 -7.49 8.85 12.03
CA PRO C 237 -6.48 8.40 12.99
C PRO C 237 -5.62 9.56 13.48
N GLY C 238 -5.37 10.53 12.61
CA GLY C 238 -4.46 11.62 12.94
C GLY C 238 -4.92 12.44 14.12
N ILE C 239 -6.01 13.22 13.94
CA ILE C 239 -6.47 14.12 14.99
C ILE C 239 -6.87 13.35 16.23
N THR C 240 -7.24 12.08 16.06
CA THR C 240 -7.51 11.25 17.22
C THR C 240 -6.25 11.07 18.06
N ASN C 241 -5.12 10.78 17.41
CA ASN C 241 -3.91 10.55 18.18
C ASN C 241 -3.50 11.80 18.95
N LEU C 242 -3.54 12.97 18.29
CA LEU C 242 -3.32 14.22 18.99
C LEU C 242 -4.23 14.31 20.22
N ILE C 243 -5.49 13.88 20.08
CA ILE C 243 -6.40 13.85 21.22
C ILE C 243 -5.86 12.93 22.31
N SER C 244 -5.41 11.73 21.93
CA SER C 244 -4.89 10.77 22.91
C SER C 244 -3.64 11.27 23.62
N ILE C 245 -2.81 12.08 22.94
CA ILE C 245 -1.69 12.76 23.61
C ILE C 245 -2.22 13.84 24.54
N TYR C 246 -3.15 14.65 24.06
CA TYR C 246 -3.81 15.65 24.90
C TYR C 246 -4.34 15.00 26.16
N ALA C 247 -4.88 13.79 26.03
CA ALA C 247 -5.41 13.06 27.19
C ALA C 247 -4.32 12.77 28.23
N GLY C 248 -3.21 12.13 27.80
CA GLY C 248 -2.22 11.68 28.76
C GLY C 248 -1.36 12.78 29.35
N LEU C 249 -1.17 13.88 28.62
CA LEU C 249 -0.43 15.00 29.20
C LEU C 249 -1.26 15.80 30.20
N THR C 250 -2.58 15.93 29.99
CA THR C 250 -3.40 16.78 30.84
C THR C 250 -4.34 16.01 31.74
N ASP C 251 -4.48 14.71 31.54
CA ASP C 251 -5.44 13.87 32.26
C ASP C 251 -6.88 14.33 32.09
N MET C 252 -7.12 15.32 31.22
CA MET C 252 -8.47 15.62 30.80
C MET C 252 -9.08 14.40 30.12
N PRO C 253 -10.35 14.10 30.37
CA PRO C 253 -11.02 13.04 29.63
C PRO C 253 -11.35 13.47 28.22
N ILE C 254 -11.56 12.49 27.35
CA ILE C 254 -11.68 12.78 25.93
C ILE C 254 -12.97 13.56 25.64
N LYS C 255 -14.07 13.17 26.30
CA LYS C 255 -15.36 13.81 26.14
C LYS C 255 -15.26 15.31 26.39
N ASP C 256 -14.53 15.66 27.46
CA ASP C 256 -14.36 17.04 27.88
C ASP C 256 -13.45 17.80 26.92
N ILE C 257 -12.55 17.08 26.24
CA ILE C 257 -11.70 17.67 25.22
C ILE C 257 -12.55 18.11 24.04
N GLU C 258 -13.32 17.15 23.49
CA GLU C 258 -14.32 17.44 22.46
C GLU C 258 -15.20 18.60 22.88
N ALA C 259 -15.62 18.61 24.16
CA ALA C 259 -16.35 19.70 24.76
C ALA C 259 -15.61 21.04 24.62
N LYS C 260 -14.47 21.17 25.31
CA LYS C 260 -13.67 22.39 25.28
C LYS C 260 -13.37 22.89 23.88
N TYR C 261 -13.27 21.97 22.91
CA TYR C 261 -12.89 22.27 21.53
C TYR C 261 -14.06 22.08 20.57
N GLU C 262 -15.27 22.19 21.10
CA GLU C 262 -16.48 22.20 20.30
C GLU C 262 -16.56 23.50 19.50
N GLY C 263 -16.82 23.36 18.21
CA GLY C 263 -16.82 24.56 17.38
C GLY C 263 -15.46 25.15 17.16
N GLU C 264 -14.42 24.47 17.57
CA GLU C 264 -13.06 24.88 17.27
C GLU C 264 -12.50 23.92 16.24
N GLY C 265 -11.53 24.43 15.46
CA GLY C 265 -10.91 23.66 14.40
C GLY C 265 -9.54 23.10 14.76
N TYR C 266 -8.86 22.59 13.74
CA TYR C 266 -7.57 21.94 13.93
C TYR C 266 -6.50 22.91 14.38
N GLY C 267 -6.39 24.08 13.73
CA GLY C 267 -5.31 25.00 14.08
C GLY C 267 -5.34 25.42 15.54
N LYS C 268 -6.54 25.71 16.06
CA LYS C 268 -6.70 26.05 17.48
C LYS C 268 -6.28 24.89 18.38
N PHE C 269 -6.85 23.72 18.15
CA PHE C 269 -6.53 22.55 18.96
C PHE C 269 -5.05 22.19 18.85
N LYS C 270 -4.52 22.10 17.63
CA LYS C 270 -3.09 21.84 17.50
C LYS C 270 -2.28 22.89 18.24
N GLY C 271 -2.52 24.17 17.97
CA GLY C 271 -1.75 25.20 18.64
C GLY C 271 -1.79 25.09 20.15
N ASP C 272 -2.98 24.83 20.71
CA ASP C 272 -3.12 24.69 22.15
C ASP C 272 -2.41 23.45 22.67
N LEU C 273 -2.53 22.34 21.94
CA LEU C 273 -1.79 21.14 22.33
C LEU C 273 -0.30 21.40 22.27
N ALA C 274 0.14 22.17 21.26
CA ALA C 274 1.56 22.43 21.09
C ALA C 274 2.12 23.09 22.34
N GLU C 275 1.36 24.04 22.91
CA GLU C 275 1.76 24.63 24.17
C GLU C 275 1.74 23.59 25.29
N ILE C 276 0.71 22.75 25.33
CA ILE C 276 0.63 21.75 26.39
C ILE C 276 1.91 20.94 26.42
N VAL C 277 2.35 20.51 25.24
CA VAL C 277 3.58 19.75 25.09
C VAL C 277 4.78 20.59 25.51
N LYS C 278 4.85 21.84 25.04
CA LYS C 278 6.03 22.67 25.31
C LYS C 278 6.14 22.91 26.82
N ALA C 279 5.02 23.13 27.49
CA ALA C 279 5.03 23.38 28.92
C ALA C 279 5.07 22.09 29.75
N PHE C 280 4.83 20.93 29.15
CA PHE C 280 5.07 19.68 29.85
C PHE C 280 6.55 19.32 29.82
N LEU C 281 7.18 19.52 28.66
CA LEU C 281 8.60 19.24 28.58
C LEU C 281 9.40 20.25 29.40
N VAL C 282 8.98 21.51 29.43
CA VAL C 282 9.72 22.46 30.27
C VAL C 282 9.64 22.04 31.72
N GLU C 283 8.44 21.68 32.19
CA GLU C 283 8.34 21.20 33.56
C GLU C 283 9.04 19.85 33.73
N PHE C 284 9.07 19.00 32.71
CA PHE C 284 9.76 17.73 32.90
C PHE C 284 11.27 17.90 32.88
N GLN C 285 11.79 18.71 31.98
CA GLN C 285 13.23 18.80 31.86
C GLN C 285 13.85 19.55 33.04
N GLU C 286 13.12 20.50 33.64
CA GLU C 286 13.57 21.06 34.91
C GLU C 286 13.79 19.97 35.94
N LYS C 287 12.78 19.10 36.14
CA LYS C 287 12.91 18.00 37.08
C LYS C 287 14.12 17.15 36.74
N TYR C 288 14.25 16.80 35.45
CA TYR C 288 15.35 15.97 34.99
C TYR C 288 16.71 16.59 35.29
N GLU C 289 16.86 17.90 35.07
CA GLU C 289 18.12 18.55 35.39
C GLU C 289 18.43 18.49 36.89
N SER C 290 17.43 18.72 37.76
CA SER C 290 17.71 18.71 39.19
C SER C 290 18.10 17.33 39.69
N PHE C 291 17.90 16.29 38.88
CA PHE C 291 18.35 14.95 39.19
C PHE C 291 19.68 14.66 38.52
N TYR C 292 19.77 14.98 37.23
CA TYR C 292 20.98 14.71 36.46
C TYR C 292 22.16 15.52 36.99
N ASN C 293 21.93 16.81 37.29
CA ASN C 293 23.00 17.66 37.75
C ASN C 293 23.12 17.72 39.27
N SER C 294 22.31 16.97 40.02
CA SER C 294 22.39 17.00 41.48
C SER C 294 23.02 15.72 42.00
N ASP C 295 23.91 15.87 42.97
CA ASP C 295 24.53 14.71 43.61
C ASP C 295 23.53 13.84 44.36
N LYS C 296 22.32 14.35 44.63
CA LYS C 296 21.28 13.51 45.22
C LYS C 296 20.96 12.29 44.36
N LEU C 297 21.22 12.37 43.05
CA LEU C 297 20.97 11.25 42.14
C LEU C 297 21.76 10.01 42.53
N ASP C 298 23.01 10.21 42.94
CA ASP C 298 23.91 9.10 43.23
C ASP C 298 23.57 8.44 44.55
N ASP C 299 22.96 9.19 45.48
CA ASP C 299 22.54 8.58 46.73
C ASP C 299 21.35 7.69 46.52
N ILE C 300 20.52 8.06 45.55
CA ILE C 300 19.33 7.31 45.22
C ILE C 300 19.72 5.96 44.63
N LEU C 301 20.61 5.99 43.65
CA LEU C 301 21.02 4.78 42.95
C LEU C 301 21.86 3.87 43.86
N ASP C 302 22.74 4.46 44.67
CA ASP C 302 23.28 3.77 45.84
C ASP C 302 22.19 2.99 46.56
N GLN C 303 21.12 3.68 46.98
CA GLN C 303 20.04 3.04 47.73
C GLN C 303 19.37 1.93 46.93
N GLY C 304 19.06 2.21 45.67
CA GLY C 304 18.38 1.21 44.85
C GLY C 304 19.25 -0.01 44.64
N ARG C 305 20.51 0.23 44.30
CA ARG C 305 21.47 -0.87 44.15
C ARG C 305 21.42 -1.76 45.37
N ASP C 306 21.51 -1.15 46.56
CA ASP C 306 21.56 -1.92 47.79
C ASP C 306 20.24 -2.67 48.01
N LYS C 307 19.12 -2.00 47.71
CA LYS C 307 17.84 -2.69 47.73
C LYS C 307 17.91 -3.94 46.88
N ALA C 308 18.14 -3.73 45.58
CA ALA C 308 18.06 -4.83 44.62
C ALA C 308 19.07 -5.92 44.94
N HIS C 309 20.27 -5.54 45.39
CA HIS C 309 21.26 -6.51 45.82
C HIS C 309 20.76 -7.38 46.95
N LYS C 310 20.17 -6.76 47.99
CA LYS C 310 19.71 -7.51 49.16
C LYS C 310 18.83 -8.69 48.77
N VAL C 311 17.97 -8.50 47.78
CA VAL C 311 17.00 -9.52 47.41
C VAL C 311 17.58 -10.46 46.37
N SER C 312 18.25 -9.92 45.34
CA SER C 312 18.82 -10.77 44.32
C SER C 312 19.85 -11.71 44.92
N PHE C 313 20.58 -11.24 45.93
CA PHE C 313 21.55 -12.07 46.62
C PHE C 313 20.86 -13.29 47.22
N LYS C 314 19.69 -13.07 47.85
CA LYS C 314 18.94 -14.16 48.48
C LYS C 314 18.64 -15.26 47.49
N THR C 315 18.25 -14.87 46.27
CA THR C 315 17.92 -15.83 45.22
C THR C 315 19.18 -16.48 44.64
N VAL C 316 20.28 -15.73 44.54
CA VAL C 316 21.48 -16.34 43.97
C VAL C 316 21.98 -17.46 44.88
N LYS C 317 21.98 -17.22 46.19
CA LYS C 317 22.48 -18.25 47.10
C LYS C 317 21.56 -19.47 47.11
N LYS C 318 20.29 -19.27 46.79
CA LYS C 318 19.40 -20.40 46.59
C LYS C 318 19.73 -21.17 45.31
N MET C 319 19.95 -20.45 44.21
CA MET C 319 20.31 -21.12 42.96
C MET C 319 21.63 -21.86 43.10
N GLU C 320 22.63 -21.21 43.75
CA GLU C 320 23.93 -21.83 43.96
C GLU C 320 23.84 -23.06 44.84
N LYS C 321 23.02 -23.00 45.89
CA LYS C 321 22.79 -24.20 46.69
C LYS C 321 22.16 -25.31 45.84
N ALA C 322 21.18 -24.97 45.01
CA ALA C 322 20.47 -26.00 44.23
C ALA C 322 21.27 -26.50 43.04
N MET C 323 22.24 -25.76 42.53
CA MET C 323 23.07 -26.33 41.48
C MET C 323 24.31 -27.04 42.00
N GLY C 324 24.80 -26.62 43.17
CA GLY C 324 26.00 -27.20 43.72
C GLY C 324 27.11 -26.21 44.03
N LEU C 325 27.10 -25.02 43.41
CA LEU C 325 28.22 -24.09 43.57
C LEU C 325 28.43 -23.71 45.02
N GLY C 326 29.64 -23.17 45.31
CA GLY C 326 29.93 -22.62 46.62
C GLY C 326 30.10 -23.69 47.68
N ARG C 327 29.97 -23.26 48.94
CA ARG C 327 29.99 -24.14 50.09
C ARG C 327 28.75 -23.91 50.92
N LYS C 328 28.50 -24.84 51.86
CA LYS C 328 27.32 -24.76 52.70
C LYS C 328 27.40 -23.60 53.68
N ARG C 329 28.45 -23.56 54.50
CA ARG C 329 28.45 -22.62 55.61
C ARG C 329 29.75 -22.74 56.44
C1 PEG D . -13.87 9.06 -21.37
O1 PEG D . -13.41 7.78 -20.99
C2 PEG D . -15.36 9.14 -21.38
O2 PEG D . -15.80 10.23 -20.57
C3 PEG D . -15.13 10.26 -19.30
C4 PEG D . -16.09 9.86 -18.22
O4 PEG D . -15.44 9.64 -16.99
C1 PEG E . 1.86 -12.01 -16.87
O1 PEG E . 2.53 -12.11 -18.10
C2 PEG E . 2.76 -11.57 -15.76
O2 PEG E . 3.92 -12.39 -15.72
C3 PEG E . 4.88 -11.95 -14.76
C4 PEG E . 4.19 -11.70 -13.45
O4 PEG E . 4.71 -10.55 -12.80
C1 PEG F . 14.43 -7.19 31.15
O1 PEG F . 13.41 -6.89 30.22
C2 PEG F . 15.78 -7.24 30.52
O2 PEG F . 15.89 -6.24 29.51
C3 PEG F . 16.84 -6.57 28.51
C4 PEG F . 16.22 -6.42 27.16
O4 PEG F . 15.90 -5.08 26.87
#